data_7KIC
#
_entry.id   7KIC
#
_cell.length_a   103.561
_cell.length_b   138.836
_cell.length_c   178.998
_cell.angle_alpha   90.000
_cell.angle_beta   90.000
_cell.angle_gamma   90.000
#
_symmetry.space_group_name_H-M   'I 2 2 2'
#
loop_
_entity.id
_entity.type
_entity.pdbx_description
1 polymer 'Protein arginine N-methyltransferase 5'
2 polymer 'Methylosome protein 50'
3 non-polymer 1,2-ETHANEDIOL
4 non-polymer (2R,3R,3aS,6S,6aR)-6-[(2-amino-3-bromoquinolin-7-yl)oxy]-2-(4-methyl-7H-pyrrolo[2,3-d]pyrimidin-7-yl)hexahydro-3aH-cyclopenta[b]furan-3,3a-diol
5 water water
#
loop_
_entity_poly.entity_id
_entity_poly.type
_entity_poly.pdbx_seq_one_letter_code
_entity_poly.pdbx_strand_id
1 'polypeptide(L)'
;MDYKDDDDKAAMAVGGAGGSRVSSGRDLNCVPEIADTLGAVAKQGFDFLCMPVFHPRFKREFIQEPAKNRPGPQTRSDLL
LSGRDWNTLIVGKLSPWIRPDSKVEKIRRNSEAAMLQELNFGAYLGLPAFLLPLNQEDNTNLARVLTNHIHTGHHSSMFW
MRVPLVAPEDLRDDIIENAPTTHTEEYSGEEKTWMWWHNFRTLCDYSKRIAVALEIGADLPSNHVIDRWLGEPIKAAILP
TSIFLTNKKGFPVLSKMHQRLIFRLLKLEVQFIITGTNHHSEKEFCSYLQYLEYLSQNRPPPNAYELFAKGYEDYLQSPL
QPLMDNLESQTYEVFEKDPIKYSQYQQAIYKCLLDRVPEEEKDTNVQVLMVLGAGRGPLVNASLRAAKQADRRIKLYAVE
KNPNAVVTLENWQFEEWGSQVTVVSSDMREWVAPEKADIIVSELLGSFADNELSPECLDGAQHFLKDDGVSIPGEYTSFL
APISSSKLYNEVRACREKDRDPEAQFEMPYVVRLHNFHQLSAPQPCFTFSHPNRDPMIDNNRYCTLEFPVEVNTVLHGFA
GYFETVLYQDITLSIRPETHSPGMFSWFPILFPIKQPITVREGQTICVRFWRCSNSKKVWYEWAVTAPVCSAIHNPTGRS
YTIGL
;
A
2 'polypeptide(L)'
;MHHHHHHHHRKETPPPLVPPAAREWNLPPNAPACMERQLEAARYRSDGALLLGASSLSGRCWAGSLWLFKDPCAAPNEGF
CSAGVQTEAGVADLTWVGERGILVASDSGAVELWELDENETLIVSKFCKYEHDDIVSTVSVLSSGTQAVSGSKDICIKVW
DLAQQVVLSSYRAHAAQVTCVAASPHKDSVFLSCSEDNRILLWDTRCPKPASQIGCSAPGYLPTSLAWHPQQSEVFVFGD
ENGTVSLVDTKSTSCVLSSAVHSQCVTGLVFSPHSVPFLASLSEDCSLAVLDSSLSELFRSQAHRDFVRDATWSPLNHSL
LTTVGWDHQVVHHVVPTEPLPAPGPASVTE
;
B
#
loop_
_chem_comp.id
_chem_comp.type
_chem_comp.name
_chem_comp.formula
EDO non-polymer 1,2-ETHANEDIOL 'C2 H6 O2'
WFS non-polymer (2R,3R,3aS,6S,6aR)-6-[(2-amino-3-bromoquinolin-7-yl)oxy]-2-(4-methyl-7H-pyrrolo[2,3-d]pyrimidin-7-yl)hexahydro-3aH-cyclopenta[b]furan-3,3a-diol 'C23 H22 Br N5 O4'
#
# COMPACT_ATOMS: atom_id res chain seq x y z
N ARG A 21 12.13 8.97 14.22
CA ARG A 21 11.99 7.53 14.37
C ARG A 21 11.13 6.95 13.22
N VAL A 22 11.75 6.79 12.04
CA VAL A 22 11.09 6.24 10.86
C VAL A 22 11.58 4.80 10.67
N SER A 23 10.62 3.84 10.57
CA SER A 23 10.92 2.44 10.26
C SER A 23 10.91 2.33 8.74
N SER A 24 12.06 1.96 8.16
CA SER A 24 12.26 1.96 6.72
C SER A 24 12.85 0.67 6.17
N GLY A 25 12.59 0.43 4.88
CA GLY A 25 13.05 -0.76 4.19
C GLY A 25 13.64 -0.45 2.83
N ARG A 26 14.50 -1.36 2.36
CA ARG A 26 15.14 -1.23 1.07
C ARG A 26 14.57 -2.27 0.13
N ASP A 27 13.99 -1.80 -1.00
CA ASP A 27 13.46 -2.72 -1.98
C ASP A 27 14.52 -3.05 -3.01
N LEU A 28 14.86 -4.33 -3.11
CA LEU A 28 15.81 -4.79 -4.10
C LEU A 28 15.20 -5.88 -4.93
N ASN A 29 15.56 -5.91 -6.22
CA ASN A 29 15.16 -7.00 -7.08
C ASN A 29 16.42 -7.76 -7.56
N CYS A 30 17.58 -7.45 -6.92
CA CYS A 30 18.85 -8.12 -7.21
C CYS A 30 19.65 -8.36 -5.94
N VAL A 31 19.76 -9.65 -5.55
CA VAL A 31 20.50 -10.05 -4.36
C VAL A 31 21.45 -11.21 -4.74
N PRO A 32 22.72 -10.88 -5.11
CA PRO A 32 23.68 -11.94 -5.49
C PRO A 32 24.06 -12.82 -4.30
N GLU A 33 24.43 -12.20 -3.17
CA GLU A 33 24.75 -12.92 -1.94
C GLU A 33 23.88 -12.31 -0.86
N ILE A 34 23.02 -13.13 -0.25
CA ILE A 34 22.06 -12.68 0.76
C ILE A 34 22.73 -11.99 1.99
N ALA A 35 23.82 -12.59 2.53
CA ALA A 35 24.51 -12.10 3.74
C ALA A 35 25.13 -10.73 3.54
N ASP A 36 25.86 -10.56 2.42
CA ASP A 36 26.54 -9.31 2.08
C ASP A 36 25.50 -8.22 1.81
N THR A 37 24.45 -8.55 1.03
CA THR A 37 23.36 -7.61 0.72
C THR A 37 22.63 -7.19 1.99
N LEU A 38 22.38 -8.14 2.91
CA LEU A 38 21.71 -7.81 4.16
C LEU A 38 22.55 -6.85 5.01
N GLY A 39 23.85 -7.16 5.17
CA GLY A 39 24.79 -6.34 5.91
C GLY A 39 25.00 -4.97 5.29
N ALA A 40 24.91 -4.90 3.95
CA ALA A 40 25.01 -3.64 3.22
C ALA A 40 23.86 -2.73 3.61
N VAL A 41 22.59 -3.22 3.45
CA VAL A 41 21.38 -2.42 3.77
C VAL A 41 21.33 -2.06 5.26
N ALA A 42 21.89 -2.93 6.12
CA ALA A 42 21.96 -2.70 7.56
C ALA A 42 22.88 -1.50 7.85
N LYS A 43 24.10 -1.50 7.26
CA LYS A 43 25.09 -0.42 7.40
C LYS A 43 24.52 0.92 6.93
N GLN A 44 23.72 0.88 5.84
CA GLN A 44 23.02 2.06 5.29
C GLN A 44 21.89 2.58 6.23
N GLY A 45 21.48 1.76 7.21
CA GLY A 45 20.49 2.13 8.22
C GLY A 45 19.07 1.65 8.00
N PHE A 46 18.88 0.71 7.07
CA PHE A 46 17.56 0.19 6.79
C PHE A 46 17.16 -0.84 7.82
N ASP A 47 15.90 -0.77 8.31
CA ASP A 47 15.34 -1.67 9.31
C ASP A 47 15.03 -3.04 8.75
N PHE A 48 14.66 -3.12 7.48
CA PHE A 48 14.31 -4.39 6.83
C PHE A 48 14.65 -4.33 5.35
N LEU A 49 14.42 -5.45 4.64
CA LEU A 49 14.75 -5.58 3.23
C LEU A 49 13.67 -6.34 2.50
N CYS A 50 13.22 -5.80 1.33
CA CYS A 50 12.25 -6.45 0.45
C CYS A 50 13.03 -7.09 -0.65
N MET A 51 12.94 -8.40 -0.77
CA MET A 51 13.75 -9.09 -1.76
C MET A 51 13.09 -10.31 -2.32
N PRO A 52 13.47 -10.72 -3.53
CA PRO A 52 12.93 -11.98 -4.08
C PRO A 52 13.33 -13.22 -3.26
N VAL A 53 12.42 -14.15 -3.16
CA VAL A 53 12.62 -15.41 -2.44
C VAL A 53 13.02 -16.51 -3.42
N PHE A 54 12.72 -16.31 -4.69
CA PHE A 54 13.16 -17.14 -5.83
C PHE A 54 13.73 -16.15 -6.85
N HIS A 55 14.73 -16.56 -7.70
CA HIS A 55 15.32 -15.60 -8.66
C HIS A 55 14.26 -15.02 -9.58
N PRO A 56 14.17 -13.66 -9.66
CA PRO A 56 13.10 -13.02 -10.47
C PRO A 56 12.98 -13.47 -11.91
N ARG A 57 14.09 -13.92 -12.53
CA ARG A 57 14.10 -14.35 -13.93
C ARG A 57 13.94 -15.85 -14.07
N PHE A 58 14.09 -16.58 -12.97
CA PHE A 58 14.02 -18.04 -12.96
C PHE A 58 12.56 -18.59 -13.18
N LYS A 59 12.00 -18.42 -14.39
CA LYS A 59 10.65 -18.91 -14.71
C LYS A 59 10.64 -20.40 -14.52
N ARG A 60 9.63 -20.95 -13.82
CA ARG A 60 9.54 -22.38 -13.53
C ARG A 60 8.34 -22.99 -14.21
N GLU A 61 8.45 -24.24 -14.66
CA GLU A 61 7.38 -24.99 -15.33
C GLU A 61 6.88 -26.08 -14.38
N PHE A 62 5.57 -26.42 -14.43
CA PHE A 62 4.97 -27.39 -13.51
C PHE A 62 4.17 -28.49 -14.25
N ILE A 63 3.80 -28.25 -15.52
CA ILE A 63 2.99 -29.20 -16.26
C ILE A 63 3.79 -29.92 -17.34
N GLN A 64 4.33 -29.13 -18.31
CA GLN A 64 5.02 -29.61 -19.50
C GLN A 64 6.44 -30.12 -19.28
N GLU A 65 6.71 -31.29 -19.86
CA GLU A 65 8.00 -31.93 -19.90
C GLU A 65 8.76 -31.42 -21.16
N PRO A 66 10.10 -31.28 -21.11
CA PRO A 66 11.02 -31.70 -20.04
C PRO A 66 11.24 -30.70 -18.91
N ALA A 67 11.04 -29.37 -19.16
CA ALA A 67 11.26 -28.27 -18.19
C ALA A 67 10.67 -28.49 -16.78
N LYS A 68 9.59 -29.30 -16.68
CA LYS A 68 8.93 -29.67 -15.42
C LYS A 68 9.93 -30.36 -14.44
N ASN A 69 10.81 -31.24 -15.00
CA ASN A 69 11.78 -32.06 -14.26
C ASN A 69 13.15 -31.40 -14.06
N ARG A 70 13.20 -30.07 -14.11
CA ARG A 70 14.38 -29.27 -13.88
C ARG A 70 15.04 -29.60 -12.51
N PRO A 71 16.34 -29.97 -12.50
CA PRO A 71 16.99 -30.33 -11.21
C PRO A 71 17.14 -29.13 -10.30
N GLY A 72 17.12 -29.41 -9.00
CA GLY A 72 17.15 -28.40 -7.95
C GLY A 72 18.52 -27.93 -7.56
N PRO A 73 18.63 -27.10 -6.50
CA PRO A 73 17.52 -26.56 -5.68
C PRO A 73 16.71 -25.54 -6.49
N GLN A 74 15.46 -25.29 -6.10
CA GLN A 74 14.65 -24.29 -6.82
C GLN A 74 15.03 -22.86 -6.40
N THR A 75 15.65 -22.70 -5.19
CA THR A 75 16.12 -21.40 -4.68
C THR A 75 17.25 -21.57 -3.63
N ARG A 76 17.67 -20.46 -3.00
CA ARG A 76 18.66 -20.45 -1.95
C ARG A 76 18.06 -20.98 -0.64
N SER A 77 18.89 -21.68 0.14
CA SER A 77 18.50 -22.31 1.39
C SER A 77 18.16 -21.36 2.52
N ASP A 78 17.24 -21.79 3.40
CA ASP A 78 16.80 -21.14 4.65
C ASP A 78 17.96 -21.00 5.64
N LEU A 79 18.93 -21.94 5.57
CA LEU A 79 20.09 -21.95 6.47
C LEU A 79 20.95 -20.72 6.35
N LEU A 80 20.78 -19.95 5.26
CA LEU A 80 21.57 -18.74 4.97
C LEU A 80 21.37 -17.61 5.97
N LEU A 81 20.23 -17.58 6.66
CA LEU A 81 19.95 -16.64 7.75
C LEU A 81 19.40 -17.41 8.93
N SER A 82 19.47 -16.81 10.11
CA SER A 82 18.90 -17.34 11.34
C SER A 82 17.39 -17.17 11.23
N GLY A 83 16.65 -17.93 12.04
CA GLY A 83 15.20 -17.81 12.10
C GLY A 83 14.77 -16.38 12.37
N ARG A 84 15.41 -15.75 13.38
CA ARG A 84 15.13 -14.37 13.77
C ARG A 84 15.23 -13.39 12.58
N ASP A 85 16.28 -13.52 11.74
CA ASP A 85 16.47 -12.63 10.59
C ASP A 85 15.30 -12.73 9.62
N TRP A 86 14.89 -13.96 9.30
CA TRP A 86 13.75 -14.26 8.45
C TRP A 86 12.45 -13.66 8.99
N ASN A 87 12.19 -13.81 10.31
CA ASN A 87 10.98 -13.31 10.97
C ASN A 87 10.91 -11.80 11.01
N THR A 88 12.07 -11.10 10.98
CA THR A 88 12.08 -9.67 11.25
C THR A 88 12.65 -8.77 10.16
N LEU A 89 13.59 -9.25 9.38
CA LEU A 89 14.31 -8.40 8.43
C LEU A 89 13.96 -8.63 6.97
N ILE A 90 13.26 -9.71 6.64
CA ILE A 90 13.00 -10.02 5.25
C ILE A 90 11.54 -9.93 4.88
N VAL A 91 11.25 -9.13 3.85
CA VAL A 91 9.92 -9.02 3.26
C VAL A 91 10.05 -9.65 1.87
N GLY A 92 9.33 -10.75 1.66
CA GLY A 92 9.34 -11.47 0.40
C GLY A 92 8.65 -10.72 -0.72
N LYS A 93 8.95 -11.09 -1.96
CA LYS A 93 8.37 -10.45 -3.14
C LYS A 93 7.98 -11.53 -4.13
N LEU A 94 6.77 -11.46 -4.69
CA LEU A 94 6.33 -12.41 -5.70
C LEU A 94 7.14 -12.17 -7.00
N SER A 95 7.44 -13.22 -7.74
CA SER A 95 8.23 -13.12 -8.97
C SER A 95 7.44 -12.43 -10.09
N PRO A 96 8.06 -11.48 -10.81
CA PRO A 96 7.29 -10.65 -11.77
C PRO A 96 6.67 -11.40 -12.94
N TRP A 97 7.11 -12.62 -13.20
CA TRP A 97 6.57 -13.46 -14.29
C TRP A 97 5.30 -14.20 -13.87
N ILE A 98 4.99 -14.23 -12.56
CA ILE A 98 3.79 -14.90 -12.10
C ILE A 98 2.65 -13.99 -12.47
N ARG A 99 1.81 -14.46 -13.41
CA ARG A 99 0.67 -13.69 -13.93
C ARG A 99 -0.59 -14.55 -13.85
N PRO A 100 -1.23 -14.64 -12.64
CA PRO A 100 -2.44 -15.50 -12.50
C PRO A 100 -3.65 -15.09 -13.34
N ASP A 101 -3.69 -13.84 -13.84
CA ASP A 101 -4.83 -13.33 -14.60
C ASP A 101 -4.56 -13.18 -16.08
N SER A 102 -3.43 -13.76 -16.54
CA SER A 102 -3.00 -13.76 -17.93
C SER A 102 -4.06 -14.32 -18.84
N LYS A 103 -4.08 -13.86 -20.11
CA LYS A 103 -5.06 -14.36 -21.07
C LYS A 103 -4.68 -15.75 -21.61
N VAL A 104 -3.42 -16.16 -21.39
CA VAL A 104 -2.90 -17.47 -21.85
C VAL A 104 -3.13 -18.49 -20.77
N GLU A 105 -3.95 -19.51 -21.06
CA GLU A 105 -4.28 -20.57 -20.10
C GLU A 105 -3.04 -21.22 -19.50
N LYS A 106 -2.06 -21.61 -20.34
CA LYS A 106 -0.84 -22.27 -19.87
C LYS A 106 -0.11 -21.43 -18.82
N ILE A 107 -0.14 -20.09 -19.00
CA ILE A 107 0.50 -19.14 -18.10
C ILE A 107 -0.31 -18.99 -16.82
N ARG A 108 -1.63 -18.93 -16.95
CA ARG A 108 -2.56 -18.83 -15.82
C ARG A 108 -2.37 -20.04 -14.87
N ARG A 109 -2.41 -21.29 -15.39
CA ARG A 109 -2.25 -22.54 -14.62
C ARG A 109 -0.90 -22.62 -13.92
N ASN A 110 0.15 -22.22 -14.62
CA ASN A 110 1.52 -22.25 -14.15
C ASN A 110 1.80 -21.20 -13.10
N SER A 111 1.21 -20.01 -13.25
CA SER A 111 1.42 -18.91 -12.31
C SER A 111 0.68 -19.17 -11.01
N GLU A 112 -0.45 -19.90 -11.08
CA GLU A 112 -1.21 -20.33 -9.90
C GLU A 112 -0.32 -21.24 -9.08
N ALA A 113 0.33 -22.24 -9.74
CA ALA A 113 1.26 -23.20 -9.11
C ALA A 113 2.53 -22.50 -8.54
N ALA A 114 3.00 -21.47 -9.25
CA ALA A 114 4.20 -20.73 -8.86
C ALA A 114 3.90 -19.80 -7.73
N MET A 115 2.71 -19.17 -7.75
CA MET A 115 2.25 -18.26 -6.70
C MET A 115 2.15 -19.00 -5.38
N LEU A 116 1.51 -20.18 -5.41
CA LEU A 116 1.38 -21.03 -4.23
C LEU A 116 2.71 -21.43 -3.67
N GLN A 117 3.66 -21.83 -4.56
CA GLN A 117 5.02 -22.26 -4.19
C GLN A 117 5.75 -21.17 -3.44
N GLU A 118 5.73 -19.95 -3.99
CA GLU A 118 6.42 -18.80 -3.44
C GLU A 118 5.84 -18.39 -2.10
N LEU A 119 4.49 -18.32 -2.00
CA LEU A 119 3.79 -18.00 -0.74
C LEU A 119 4.04 -19.10 0.31
N ASN A 120 3.99 -20.36 -0.07
CA ASN A 120 4.28 -21.43 0.88
C ASN A 120 5.70 -21.37 1.41
N PHE A 121 6.66 -21.02 0.54
CA PHE A 121 8.05 -20.86 0.94
C PHE A 121 8.28 -19.72 1.92
N GLY A 122 7.60 -18.59 1.70
CA GLY A 122 7.69 -17.44 2.60
C GLY A 122 7.05 -17.74 3.93
N ALA A 123 6.02 -18.61 3.93
CA ALA A 123 5.33 -19.04 5.14
C ALA A 123 6.23 -20.04 5.87
N TYR A 124 6.95 -20.86 5.11
CA TYR A 124 7.92 -21.83 5.62
C TYR A 124 9.03 -21.09 6.36
N LEU A 125 9.49 -19.96 5.78
CA LEU A 125 10.54 -19.09 6.33
C LEU A 125 10.08 -18.24 7.51
N GLY A 126 8.77 -18.10 7.69
CA GLY A 126 8.18 -17.30 8.74
C GLY A 126 8.31 -15.81 8.47
N LEU A 127 8.23 -15.42 7.19
CA LEU A 127 8.38 -14.04 6.78
C LEU A 127 7.27 -13.15 7.35
N PRO A 128 7.62 -11.93 7.85
CA PRO A 128 6.59 -11.06 8.43
C PRO A 128 5.64 -10.47 7.37
N ALA A 129 6.18 -10.17 6.18
CA ALA A 129 5.38 -9.64 5.11
C ALA A 129 5.83 -10.17 3.77
N PHE A 130 4.95 -10.10 2.81
CA PHE A 130 5.19 -10.60 1.47
C PHE A 130 4.47 -9.62 0.54
N LEU A 131 5.14 -9.23 -0.58
CA LEU A 131 4.59 -8.25 -1.49
C LEU A 131 4.02 -8.87 -2.74
N LEU A 132 2.87 -8.36 -3.21
CA LEU A 132 2.27 -8.78 -4.47
C LEU A 132 1.77 -7.54 -5.18
N PRO A 133 1.97 -7.43 -6.52
CA PRO A 133 1.50 -6.23 -7.22
C PRO A 133 0.03 -6.27 -7.63
N LEU A 134 -0.56 -5.08 -7.74
CA LEU A 134 -1.85 -4.87 -8.38
C LEU A 134 -1.47 -3.87 -9.48
N ASN A 135 -0.98 -4.39 -10.62
CA ASN A 135 -0.50 -3.56 -11.74
C ASN A 135 -1.45 -3.55 -12.92
N GLN A 136 -2.68 -4.03 -12.71
CA GLN A 136 -3.73 -4.07 -13.73
C GLN A 136 -5.13 -4.13 -13.08
N GLU A 137 -6.20 -3.92 -13.89
CA GLU A 137 -7.57 -3.90 -13.43
C GLU A 137 -8.02 -5.26 -12.91
N ASP A 138 -7.85 -6.33 -13.69
CA ASP A 138 -8.32 -7.66 -13.34
C ASP A 138 -7.28 -8.48 -12.54
N ASN A 139 -7.56 -8.72 -11.25
CA ASN A 139 -6.72 -9.54 -10.36
C ASN A 139 -7.55 -10.62 -9.65
N THR A 140 -8.64 -11.09 -10.29
CA THR A 140 -9.57 -12.06 -9.74
C THR A 140 -8.87 -13.38 -9.37
N ASN A 141 -8.15 -13.95 -10.30
CA ASN A 141 -7.43 -15.18 -10.05
C ASN A 141 -6.32 -15.01 -9.07
N LEU A 142 -5.64 -13.82 -9.05
CA LEU A 142 -4.59 -13.51 -8.07
C LEU A 142 -5.22 -13.56 -6.65
N ALA A 143 -6.45 -12.97 -6.51
CA ALA A 143 -7.28 -12.98 -5.31
C ALA A 143 -7.75 -14.39 -4.95
N ARG A 144 -8.12 -15.23 -5.94
CA ARG A 144 -8.60 -16.59 -5.64
C ARG A 144 -7.47 -17.43 -5.05
N VAL A 145 -6.26 -17.30 -5.64
CA VAL A 145 -5.07 -18.04 -5.20
C VAL A 145 -4.58 -17.51 -3.85
N LEU A 146 -4.63 -16.18 -3.61
CA LEU A 146 -4.16 -15.67 -2.33
C LEU A 146 -5.11 -16.05 -1.19
N THR A 147 -6.39 -15.80 -1.38
CA THR A 147 -7.44 -16.18 -0.44
C THR A 147 -7.27 -17.64 -0.06
N ASN A 148 -7.10 -18.52 -1.06
CA ASN A 148 -6.85 -19.96 -0.86
C ASN A 148 -5.65 -20.22 0.05
N HIS A 149 -4.60 -19.40 -0.06
CA HIS A 149 -3.38 -19.56 0.74
C HIS A 149 -3.65 -19.15 2.20
N ILE A 150 -4.52 -18.16 2.38
CA ILE A 150 -4.87 -17.68 3.70
C ILE A 150 -5.68 -18.74 4.45
N HIS A 151 -6.58 -19.42 3.73
CA HIS A 151 -7.43 -20.46 4.29
C HIS A 151 -6.76 -21.84 4.29
N THR A 152 -5.46 -21.88 3.99
CA THR A 152 -4.65 -23.10 4.06
C THR A 152 -3.71 -22.89 5.26
N GLY A 153 -4.18 -23.29 6.44
CA GLY A 153 -3.50 -23.08 7.70
C GLY A 153 -4.12 -21.93 8.48
N HIS A 154 -3.37 -21.36 9.45
CA HIS A 154 -3.79 -20.23 10.29
C HIS A 154 -2.53 -19.44 10.73
N HIS A 155 -2.21 -18.34 10.00
CA HIS A 155 -0.96 -17.60 10.28
C HIS A 155 -1.14 -16.10 10.40
N SER A 156 -0.09 -15.45 10.94
CA SER A 156 -0.05 -14.01 11.21
C SER A 156 0.48 -13.16 10.03
N SER A 157 1.25 -13.80 9.10
N SER A 157 1.29 -13.79 9.12
CA SER A 157 1.89 -13.15 7.94
CA SER A 157 1.94 -13.12 7.97
C SER A 157 1.00 -12.14 7.21
C SER A 157 1.03 -12.16 7.19
N MET A 158 1.57 -10.96 6.87
CA MET A 158 0.87 -9.91 6.14
C MET A 158 1.14 -10.00 4.65
N PHE A 159 0.20 -9.48 3.87
CA PHE A 159 0.34 -9.40 2.43
C PHE A 159 0.19 -7.98 2.04
N TRP A 160 1.27 -7.41 1.50
CA TRP A 160 1.32 -6.03 1.10
C TRP A 160 1.09 -5.94 -0.38
N MET A 161 -0.06 -5.37 -0.75
CA MET A 161 -0.48 -5.18 -2.13
C MET A 161 0.15 -3.91 -2.65
N ARG A 162 1.18 -4.08 -3.51
CA ARG A 162 1.98 -3.01 -4.09
C ARG A 162 1.13 -2.35 -5.14
N VAL A 163 0.62 -1.16 -4.83
CA VAL A 163 -0.30 -0.46 -5.70
C VAL A 163 0.11 1.04 -5.82
N PRO A 164 0.19 1.60 -7.05
CA PRO A 164 0.62 3.00 -7.19
C PRO A 164 -0.53 3.99 -7.09
N LEU A 165 -0.22 5.25 -6.71
CA LEU A 165 -1.21 6.32 -6.74
C LEU A 165 -1.67 6.50 -8.19
N VAL A 166 -0.72 6.52 -9.14
CA VAL A 166 -1.03 6.71 -10.56
C VAL A 166 -0.62 5.48 -11.36
N ALA A 167 -1.55 4.88 -12.10
CA ALA A 167 -1.28 3.69 -12.92
C ALA A 167 -0.22 4.06 -13.99
N PRO A 168 0.73 3.14 -14.31
CA PRO A 168 1.80 3.49 -15.27
C PRO A 168 1.28 4.08 -16.59
N GLU A 169 0.21 3.49 -17.15
CA GLU A 169 -0.46 3.94 -18.37
C GLU A 169 -0.84 5.43 -18.31
N ASP A 170 -1.15 5.93 -17.10
CA ASP A 170 -1.56 7.30 -16.87
C ASP A 170 -0.38 8.22 -16.52
N LEU A 171 0.88 7.69 -16.51
CA LEU A 171 2.03 8.54 -16.22
C LEU A 171 3.13 8.44 -17.29
N ARG A 172 2.85 7.64 -18.36
CA ARG A 172 3.78 7.41 -19.47
C ARG A 172 4.01 8.68 -20.23
N ASP A 173 5.25 8.87 -20.73
CA ASP A 173 5.65 10.02 -21.56
C ASP A 173 4.73 10.15 -22.77
N ASP A 174 4.37 11.39 -23.15
CA ASP A 174 3.54 11.61 -24.35
C ASP A 174 4.46 11.59 -25.59
N ILE A 175 4.93 10.37 -25.94
CA ILE A 175 5.89 10.19 -27.04
C ILE A 175 5.42 9.19 -28.11
N ILE A 176 4.16 8.66 -28.00
CA ILE A 176 3.63 7.78 -29.07
C ILE A 176 2.81 8.65 -30.02
N GLU A 177 3.38 8.91 -31.20
CA GLU A 177 2.83 9.83 -32.20
C GLU A 177 1.37 9.49 -32.58
N ASN A 178 1.06 8.20 -32.81
CA ASN A 178 -0.29 7.76 -33.21
C ASN A 178 -1.18 7.29 -32.02
N ALA A 179 -0.62 7.23 -30.79
CA ALA A 179 -1.37 6.85 -29.59
C ALA A 179 -1.09 7.88 -28.49
N PRO A 180 -1.72 9.09 -28.55
CA PRO A 180 -1.38 10.15 -27.58
C PRO A 180 -2.03 10.02 -26.20
N THR A 181 -1.45 10.73 -25.21
CA THR A 181 -1.95 10.69 -23.84
C THR A 181 -3.14 11.65 -23.68
N THR A 182 -4.22 11.19 -23.01
CA THR A 182 -5.41 12.01 -22.80
C THR A 182 -5.12 13.22 -21.88
N HIS A 183 -5.41 14.44 -22.36
CA HIS A 183 -5.19 15.70 -21.62
C HIS A 183 -6.50 16.18 -20.98
N THR A 184 -7.57 15.37 -21.14
CA THR A 184 -8.90 15.62 -20.58
C THR A 184 -8.93 15.17 -19.11
N GLU A 185 -9.76 15.83 -18.27
CA GLU A 185 -9.91 15.40 -16.88
C GLU A 185 -10.91 14.24 -16.83
N GLU A 186 -10.49 13.12 -16.23
CA GLU A 186 -11.34 11.94 -16.03
C GLU A 186 -11.35 11.67 -14.53
N TYR A 187 -12.24 12.40 -13.79
CA TYR A 187 -12.36 12.35 -12.32
C TYR A 187 -12.24 10.92 -11.77
N SER A 188 -13.07 10.00 -12.31
CA SER A 188 -13.11 8.60 -11.88
C SER A 188 -11.88 7.79 -12.35
N GLY A 189 -11.46 7.98 -13.61
CA GLY A 189 -10.31 7.32 -14.21
C GLY A 189 -9.01 7.56 -13.47
N GLU A 190 -8.82 8.79 -12.97
CA GLU A 190 -7.65 9.18 -12.17
C GLU A 190 -7.63 8.44 -10.82
N GLU A 191 -8.78 7.86 -10.42
CA GLU A 191 -8.91 7.05 -9.21
C GLU A 191 -9.00 5.54 -9.57
N LYS A 192 -8.48 5.13 -10.75
CA LYS A 192 -8.62 3.75 -11.17
C LYS A 192 -7.89 2.74 -10.28
N THR A 193 -6.66 3.06 -9.75
CA THR A 193 -5.85 2.12 -8.94
C THR A 193 -6.48 1.86 -7.58
N TRP A 194 -7.22 2.86 -7.06
CA TRP A 194 -7.95 2.64 -5.82
C TRP A 194 -9.01 1.53 -6.05
N MET A 195 -9.70 1.56 -7.22
N MET A 195 -9.70 1.57 -7.23
CA MET A 195 -10.71 0.55 -7.54
CA MET A 195 -10.72 0.58 -7.64
C MET A 195 -10.11 -0.85 -7.66
C MET A 195 -10.11 -0.83 -7.67
N TRP A 196 -8.86 -0.93 -8.17
CA TRP A 196 -8.12 -2.20 -8.27
C TRP A 196 -7.96 -2.80 -6.86
N TRP A 197 -7.51 -1.96 -5.89
CA TRP A 197 -7.35 -2.32 -4.50
C TRP A 197 -8.67 -2.71 -3.93
N HIS A 198 -9.70 -1.81 -4.07
CA HIS A 198 -11.05 -2.04 -3.56
C HIS A 198 -11.61 -3.38 -3.98
N ASN A 199 -11.58 -3.67 -5.30
CA ASN A 199 -12.08 -4.95 -5.85
C ASN A 199 -11.28 -6.12 -5.36
N PHE A 200 -9.93 -5.99 -5.29
CA PHE A 200 -9.08 -7.10 -4.83
C PHE A 200 -9.38 -7.49 -3.36
N ARG A 201 -9.52 -6.52 -2.47
CA ARG A 201 -9.75 -6.80 -1.05
C ARG A 201 -11.20 -7.21 -0.75
N THR A 202 -12.15 -6.82 -1.66
CA THR A 202 -13.54 -7.21 -1.57
C THR A 202 -13.58 -8.70 -1.88
N LEU A 203 -12.92 -9.13 -2.97
CA LEU A 203 -12.88 -10.55 -3.36
C LEU A 203 -12.27 -11.41 -2.28
N CYS A 204 -11.27 -10.88 -1.57
CA CYS A 204 -10.51 -11.58 -0.51
C CYS A 204 -11.22 -11.48 0.83
N ASP A 205 -12.46 -10.91 0.82
CA ASP A 205 -13.35 -10.73 1.94
C ASP A 205 -12.71 -10.00 3.12
N TYR A 206 -12.10 -8.83 2.83
CA TYR A 206 -11.55 -7.95 3.83
C TYR A 206 -10.70 -8.70 4.85
N SER A 207 -9.75 -9.56 4.38
CA SER A 207 -8.87 -10.27 5.29
C SER A 207 -8.00 -9.24 5.97
N LYS A 208 -7.84 -9.37 7.30
CA LYS A 208 -7.01 -8.48 8.10
C LYS A 208 -5.53 -8.63 7.73
N ARG A 209 -5.21 -9.71 6.99
CA ARG A 209 -3.84 -10.02 6.56
C ARG A 209 -3.45 -9.29 5.27
N ILE A 210 -4.38 -8.63 4.61
CA ILE A 210 -4.13 -7.92 3.36
C ILE A 210 -4.14 -6.42 3.58
N ALA A 211 -3.02 -5.76 3.29
CA ALA A 211 -2.81 -4.34 3.48
C ALA A 211 -2.26 -3.72 2.21
N VAL A 212 -2.12 -2.40 2.21
CA VAL A 212 -1.65 -1.65 1.07
C VAL A 212 -0.22 -1.20 1.24
N ALA A 213 0.59 -1.41 0.18
CA ALA A 213 1.94 -0.88 0.02
C ALA A 213 1.80 0.19 -1.10
N LEU A 214 1.58 1.45 -0.71
CA LEU A 214 1.27 2.52 -1.64
C LEU A 214 2.50 3.14 -2.31
N GLU A 215 2.62 2.94 -3.63
CA GLU A 215 3.74 3.45 -4.40
C GLU A 215 3.46 4.89 -4.90
N ILE A 216 4.33 5.81 -4.52
CA ILE A 216 4.24 7.24 -4.87
C ILE A 216 5.09 7.57 -6.12
N GLY A 217 4.48 8.17 -7.14
CA GLY A 217 5.17 8.51 -8.38
C GLY A 217 5.85 9.87 -8.37
N ALA A 218 6.61 10.18 -9.46
CA ALA A 218 7.33 11.47 -9.58
C ALA A 218 6.34 12.63 -9.60
N ASP A 219 5.22 12.45 -10.31
CA ASP A 219 4.16 13.44 -10.33
C ASP A 219 2.95 12.97 -9.53
N LEU A 220 2.55 13.78 -8.54
CA LEU A 220 1.43 13.48 -7.68
C LEU A 220 0.13 13.68 -8.41
N PRO A 221 -0.93 12.89 -8.09
CA PRO A 221 -2.21 13.11 -8.75
C PRO A 221 -3.00 14.20 -8.02
N SER A 222 -4.24 14.45 -8.46
CA SER A 222 -5.13 15.43 -7.83
C SER A 222 -5.43 14.98 -6.41
N ASN A 223 -5.59 15.93 -5.49
CA ASN A 223 -5.80 15.63 -4.07
C ASN A 223 -6.93 14.64 -3.83
N HIS A 224 -7.99 14.64 -4.69
CA HIS A 224 -9.11 13.70 -4.58
C HIS A 224 -8.64 12.24 -4.72
N VAL A 225 -7.72 12.01 -5.66
CA VAL A 225 -7.14 10.69 -5.93
C VAL A 225 -6.37 10.22 -4.68
N ILE A 226 -5.66 11.15 -4.00
CA ILE A 226 -4.89 10.87 -2.79
C ILE A 226 -5.84 10.58 -1.62
N ASP A 227 -6.82 11.47 -1.41
CA ASP A 227 -7.84 11.35 -0.35
C ASP A 227 -8.64 10.03 -0.45
N ARG A 228 -8.76 9.49 -1.67
CA ARG A 228 -9.43 8.22 -1.97
C ARG A 228 -8.77 7.05 -1.16
N TRP A 229 -7.49 7.23 -0.70
CA TRP A 229 -6.71 6.26 0.08
C TRP A 229 -6.84 6.47 1.59
N LEU A 230 -7.63 7.46 2.00
CA LEU A 230 -7.92 7.73 3.41
C LEU A 230 -8.81 6.61 3.95
N GLY A 231 -8.50 6.16 5.17
CA GLY A 231 -9.29 5.11 5.79
C GLY A 231 -8.93 3.71 5.32
N GLU A 232 -7.97 3.61 4.40
CA GLU A 232 -7.52 2.33 3.88
C GLU A 232 -6.38 1.80 4.72
N PRO A 233 -6.22 0.45 4.84
CA PRO A 233 -5.11 -0.10 5.64
C PRO A 233 -3.73 0.06 5.00
N ILE A 234 -3.19 1.27 4.96
CA ILE A 234 -1.86 1.48 4.40
C ILE A 234 -0.79 1.08 5.44
N LYS A 235 0.00 0.06 5.12
CA LYS A 235 1.03 -0.43 6.02
C LYS A 235 2.40 -0.03 5.57
N ALA A 236 2.55 0.31 4.28
CA ALA A 236 3.82 0.74 3.72
C ALA A 236 3.65 1.77 2.64
N ALA A 237 4.61 2.71 2.57
CA ALA A 237 4.68 3.72 1.52
C ALA A 237 5.97 3.52 0.75
N ILE A 238 5.88 3.27 -0.56
CA ILE A 238 7.05 3.04 -1.40
C ILE A 238 7.47 4.29 -2.16
N LEU A 239 8.65 4.80 -1.84
CA LEU A 239 9.22 5.98 -2.50
C LEU A 239 10.33 5.60 -3.47
N PRO A 240 10.13 5.75 -4.78
CA PRO A 240 11.24 5.51 -5.73
C PRO A 240 12.25 6.65 -5.68
N THR A 241 13.55 6.33 -5.80
CA THR A 241 14.67 7.29 -5.81
C THR A 241 14.45 8.41 -6.84
N SER A 242 13.84 8.07 -7.98
CA SER A 242 13.52 8.94 -9.10
C SER A 242 12.65 10.15 -8.76
N ILE A 243 11.79 10.04 -7.73
CA ILE A 243 10.87 11.12 -7.36
C ILE A 243 11.59 12.23 -6.60
N PHE A 244 12.78 11.92 -6.07
CA PHE A 244 13.60 12.85 -5.31
C PHE A 244 14.26 13.88 -6.20
N LEU A 245 14.07 15.16 -5.84
CA LEU A 245 14.69 16.31 -6.49
C LEU A 245 16.11 16.45 -5.93
N THR A 246 16.95 17.21 -6.62
CA THR A 246 18.32 17.44 -6.17
C THR A 246 18.45 18.87 -5.61
N ASN A 247 18.93 19.02 -4.36
CA ASN A 247 19.11 20.37 -3.79
C ASN A 247 20.45 20.97 -4.23
N LYS A 248 20.70 22.27 -3.92
CA LYS A 248 21.90 23.01 -4.33
C LYS A 248 23.24 22.34 -3.91
N LYS A 249 23.28 21.67 -2.73
CA LYS A 249 24.49 20.98 -2.26
C LYS A 249 24.65 19.57 -2.90
N GLY A 250 23.61 19.10 -3.61
CA GLY A 250 23.60 17.81 -4.30
C GLY A 250 22.90 16.67 -3.58
N PHE A 251 22.16 16.99 -2.50
CA PHE A 251 21.44 16.03 -1.68
C PHE A 251 20.05 15.70 -2.22
N PRO A 252 19.59 14.42 -2.12
CA PRO A 252 18.22 14.11 -2.55
C PRO A 252 17.20 14.74 -1.59
N VAL A 253 16.20 15.42 -2.15
CA VAL A 253 15.14 16.11 -1.41
C VAL A 253 13.78 15.86 -2.10
N LEU A 254 12.68 16.39 -1.53
CA LEU A 254 11.34 16.22 -2.11
C LEU A 254 10.61 17.54 -2.21
N SER A 255 9.70 17.65 -3.21
CA SER A 255 8.84 18.81 -3.43
C SER A 255 7.94 19.07 -2.23
N LYS A 256 7.49 20.32 -2.04
CA LYS A 256 6.61 20.67 -0.93
C LYS A 256 5.34 19.78 -0.86
N MET A 257 4.81 19.40 -2.03
CA MET A 257 3.64 18.54 -2.18
C MET A 257 3.91 17.11 -1.73
N HIS A 258 5.11 16.57 -2.06
CA HIS A 258 5.56 15.24 -1.66
C HIS A 258 5.80 15.20 -0.15
N GLN A 259 6.20 16.34 0.43
CA GLN A 259 6.43 16.48 1.86
C GLN A 259 5.09 16.38 2.61
N ARG A 260 4.04 17.06 2.09
CA ARG A 260 2.67 17.05 2.63
C ARG A 260 2.18 15.61 2.79
N LEU A 261 2.31 14.80 1.72
CA LEU A 261 1.91 13.41 1.72
C LEU A 261 2.76 12.59 2.69
N ILE A 262 4.08 12.86 2.76
CA ILE A 262 4.96 12.16 3.69
C ILE A 262 4.47 12.40 5.12
N PHE A 263 4.20 13.69 5.47
CA PHE A 263 3.70 14.08 6.79
C PHE A 263 2.39 13.41 7.15
N ARG A 264 1.47 13.30 6.16
CA ARG A 264 0.19 12.60 6.33
C ARG A 264 0.45 11.13 6.68
N LEU A 265 1.36 10.48 5.93
CA LEU A 265 1.71 9.07 6.10
C LEU A 265 2.46 8.81 7.38
N LEU A 266 3.17 9.84 7.90
CA LEU A 266 3.91 9.70 9.15
C LEU A 266 2.94 9.54 10.30
N LYS A 267 1.78 10.23 10.21
CA LYS A 267 0.70 10.16 11.21
C LYS A 267 0.11 8.78 11.24
N LEU A 268 -0.02 8.13 10.06
CA LEU A 268 -0.54 6.78 9.93
C LEU A 268 0.46 5.74 10.36
N GLU A 269 1.67 6.18 10.68
CA GLU A 269 2.77 5.34 11.14
C GLU A 269 3.08 4.18 10.15
N VAL A 270 3.16 4.51 8.85
CA VAL A 270 3.51 3.51 7.84
C VAL A 270 5.01 3.22 7.88
N GLN A 271 5.45 2.16 7.18
CA GLN A 271 6.86 1.85 7.01
C GLN A 271 7.27 2.33 5.62
N PHE A 272 8.30 3.18 5.53
CA PHE A 272 8.73 3.75 4.26
C PHE A 272 9.71 2.85 3.57
N ILE A 273 9.48 2.59 2.26
CA ILE A 273 10.35 1.72 1.50
C ILE A 273 11.02 2.49 0.35
N ILE A 274 12.36 2.37 0.24
CA ILE A 274 13.13 3.01 -0.82
C ILE A 274 13.39 1.99 -1.93
N THR A 275 12.84 2.26 -3.13
CA THR A 275 13.01 1.44 -4.32
C THR A 275 13.82 2.23 -5.41
N GLY A 276 14.55 1.52 -6.25
CA GLY A 276 15.35 2.09 -7.34
C GLY A 276 16.83 2.23 -7.03
N THR A 277 17.66 2.51 -8.08
CA THR A 277 19.12 2.70 -7.93
C THR A 277 19.46 4.11 -7.44
N ASN A 278 20.70 4.31 -6.95
CA ASN A 278 21.19 5.61 -6.48
C ASN A 278 21.40 6.56 -7.66
N HIS A 279 20.58 7.62 -7.74
CA HIS A 279 20.69 8.60 -8.82
C HIS A 279 21.46 9.86 -8.36
N HIS A 280 21.68 9.96 -7.05
CA HIS A 280 22.51 10.99 -6.42
C HIS A 280 23.80 10.25 -6.01
N SER A 281 24.49 9.66 -7.04
CA SER A 281 25.68 8.79 -6.92
C SER A 281 26.86 9.39 -6.13
N GLU A 282 26.96 10.75 -6.05
CA GLU A 282 28.01 11.42 -5.27
C GLU A 282 27.83 11.14 -3.77
N LYS A 283 26.57 11.07 -3.32
CA LYS A 283 26.19 10.77 -1.94
C LYS A 283 25.91 9.24 -1.83
N GLU A 284 25.73 8.73 -0.60
CA GLU A 284 25.43 7.32 -0.36
C GLU A 284 23.90 7.08 -0.33
N PHE A 285 23.46 5.81 -0.17
CA PHE A 285 22.03 5.47 -0.12
C PHE A 285 21.35 5.91 1.18
N CYS A 286 22.13 6.20 2.23
CA CYS A 286 21.62 6.66 3.51
C CYS A 286 21.17 8.13 3.44
N SER A 287 21.45 8.82 2.31
CA SER A 287 21.06 10.22 2.09
C SER A 287 19.55 10.30 1.86
N TYR A 288 18.98 9.27 1.19
CA TYR A 288 17.53 9.12 0.98
C TYR A 288 16.86 8.91 2.33
N LEU A 289 17.56 8.18 3.23
CA LEU A 289 17.09 7.88 4.58
C LEU A 289 17.14 9.10 5.46
N GLN A 290 18.29 9.80 5.47
CA GLN A 290 18.54 11.02 6.25
C GLN A 290 17.48 12.08 6.02
N TYR A 291 16.99 12.20 4.78
CA TYR A 291 15.96 13.18 4.45
C TYR A 291 14.66 12.88 5.17
N LEU A 292 14.26 11.59 5.20
CA LEU A 292 13.06 11.14 5.88
C LEU A 292 13.17 11.33 7.39
N GLU A 293 14.35 11.05 7.98
CA GLU A 293 14.59 11.23 9.42
C GLU A 293 14.45 12.73 9.76
N TYR A 294 15.03 13.59 8.89
CA TYR A 294 14.95 15.06 9.00
C TYR A 294 13.50 15.51 8.95
N LEU A 295 12.72 15.04 7.93
CA LEU A 295 11.30 15.38 7.81
C LEU A 295 10.48 14.91 9.03
N SER A 296 10.81 13.70 9.55
CA SER A 296 10.18 13.09 10.73
C SER A 296 10.44 13.93 11.98
N GLN A 297 11.70 14.38 12.17
CA GLN A 297 12.09 15.22 13.31
C GLN A 297 11.54 16.65 13.22
N ASN A 298 11.23 17.12 12.00
CA ASN A 298 10.73 18.50 11.78
C ASN A 298 9.22 18.57 11.47
N ARG A 299 8.42 17.88 12.28
CA ARG A 299 6.97 17.92 12.22
C ARG A 299 6.49 18.53 13.55
N PRO A 300 5.24 19.07 13.65
CA PRO A 300 4.80 19.61 14.95
C PRO A 300 4.79 18.51 16.03
N PRO A 301 5.32 18.78 17.24
CA PRO A 301 5.37 17.73 18.27
C PRO A 301 3.99 17.26 18.78
N PRO A 302 3.90 16.06 19.42
CA PRO A 302 2.60 15.59 19.92
C PRO A 302 2.01 16.49 21.01
N ASN A 303 1.01 17.32 20.63
CA ASN A 303 0.31 18.24 21.54
C ASN A 303 -0.50 17.47 22.59
N ALA A 304 -0.81 18.13 23.74
CA ALA A 304 -1.54 17.57 24.90
C ALA A 304 -2.56 16.47 24.55
N TYR A 305 -3.46 16.74 23.56
CA TYR A 305 -4.47 15.75 23.11
C TYR A 305 -3.80 14.58 22.36
N GLU A 306 -3.01 14.88 21.32
CA GLU A 306 -2.30 13.88 20.50
C GLU A 306 -1.35 13.00 21.32
N LEU A 307 -0.80 13.55 22.42
CA LEU A 307 0.09 12.84 23.33
C LEU A 307 -0.73 11.93 24.25
N PHE A 308 -1.92 12.41 24.68
CA PHE A 308 -2.86 11.66 25.53
C PHE A 308 -3.44 10.47 24.78
N ALA A 309 -4.03 10.73 23.59
CA ALA A 309 -4.69 9.75 22.73
C ALA A 309 -3.77 8.64 22.23
N LYS A 310 -2.44 8.91 22.19
CA LYS A 310 -1.42 7.95 21.75
C LYS A 310 -1.64 6.57 22.36
N GLY A 311 -1.76 5.57 21.50
CA GLY A 311 -2.02 4.19 21.90
C GLY A 311 -3.44 3.76 21.64
N TYR A 312 -4.40 4.71 21.75
CA TYR A 312 -5.83 4.45 21.58
C TYR A 312 -6.34 4.62 20.13
N GLU A 313 -5.44 4.87 19.17
CA GLU A 313 -5.78 5.11 17.77
C GLU A 313 -6.51 3.93 17.15
N ASP A 314 -7.76 4.17 16.68
CA ASP A 314 -8.63 3.15 16.06
C ASP A 314 -8.87 1.89 16.94
N TYR A 315 -8.69 2.05 18.26
CA TYR A 315 -8.88 1.02 19.28
C TYR A 315 -10.33 1.11 19.76
N LEU A 316 -11.17 0.11 19.45
CA LEU A 316 -12.58 0.15 19.85
C LEU A 316 -12.78 -0.19 21.27
N GLN A 317 -13.60 0.61 21.97
CA GLN A 317 -13.95 0.39 23.37
C GLN A 317 -15.49 0.39 23.51
N SER A 318 -16.01 -0.40 24.46
CA SER A 318 -17.44 -0.36 24.77
C SER A 318 -17.69 0.96 25.51
N PRO A 319 -18.73 1.73 25.17
CA PRO A 319 -18.97 2.96 25.93
C PRO A 319 -19.35 2.61 27.36
N LEU A 320 -19.01 3.46 28.33
CA LEU A 320 -19.38 3.23 29.72
C LEU A 320 -20.89 3.31 29.89
N GLN A 321 -21.41 2.53 30.85
CA GLN A 321 -22.81 2.59 31.27
C GLN A 321 -22.74 2.84 32.80
N PRO A 322 -22.39 4.10 33.19
CA PRO A 322 -22.12 4.38 34.61
C PRO A 322 -23.33 4.36 35.50
N LEU A 323 -24.52 4.27 34.93
CA LEU A 323 -25.73 4.17 35.74
C LEU A 323 -25.94 2.68 36.16
N MET A 324 -25.97 1.77 35.17
N MET A 324 -25.99 1.75 35.19
CA MET A 324 -26.14 0.31 35.33
CA MET A 324 -26.20 0.34 35.49
C MET A 324 -24.97 -0.30 36.12
C MET A 324 -24.97 -0.31 36.17
N ASP A 325 -23.73 0.12 35.80
CA ASP A 325 -22.49 -0.37 36.43
C ASP A 325 -21.85 0.70 37.33
N ASN A 326 -21.19 0.25 38.42
CA ASN A 326 -20.41 1.14 39.28
C ASN A 326 -19.00 1.24 38.72
N LEU A 327 -18.54 2.46 38.42
CA LEU A 327 -17.20 2.63 37.86
C LEU A 327 -16.07 2.33 38.85
N GLU A 328 -14.93 1.83 38.33
CA GLU A 328 -13.74 1.53 39.09
C GLU A 328 -13.01 2.82 39.52
N SER A 329 -12.10 2.70 40.49
CA SER A 329 -11.37 3.82 41.06
C SER A 329 -10.50 4.53 40.04
N GLN A 330 -9.67 3.76 39.32
CA GLN A 330 -8.77 4.28 38.30
C GLN A 330 -9.49 4.95 37.13
N THR A 331 -10.82 4.76 37.02
CA THR A 331 -11.63 5.33 35.96
C THR A 331 -11.96 6.76 36.33
N TYR A 332 -12.43 6.98 37.56
CA TYR A 332 -12.66 8.30 38.12
C TYR A 332 -11.34 9.09 38.09
N GLU A 333 -10.19 8.42 38.43
CA GLU A 333 -8.85 9.02 38.36
C GLU A 333 -8.55 9.61 36.96
N VAL A 334 -8.82 8.84 35.89
CA VAL A 334 -8.68 9.28 34.50
C VAL A 334 -9.63 10.45 34.20
N PHE A 335 -10.91 10.33 34.61
CA PHE A 335 -11.88 11.41 34.39
C PHE A 335 -11.38 12.73 34.95
N GLU A 336 -10.76 12.66 36.16
CA GLU A 336 -10.26 13.77 36.97
C GLU A 336 -9.07 14.51 36.37
N LYS A 337 -8.19 13.82 35.64
CA LYS A 337 -7.01 14.49 35.08
C LYS A 337 -7.34 15.18 33.72
N ASP A 338 -8.36 16.04 33.74
CA ASP A 338 -8.76 16.86 32.60
C ASP A 338 -9.05 18.25 33.13
N PRO A 339 -7.99 19.10 33.19
CA PRO A 339 -8.14 20.44 33.78
C PRO A 339 -9.16 21.35 33.09
N ILE A 340 -9.14 21.40 31.75
CA ILE A 340 -10.03 22.24 30.95
C ILE A 340 -11.50 21.99 31.28
N LYS A 341 -11.89 20.70 31.39
CA LYS A 341 -13.28 20.31 31.69
C LYS A 341 -13.78 20.96 32.98
N TYR A 342 -13.06 20.73 34.08
CA TYR A 342 -13.48 21.26 35.37
C TYR A 342 -13.24 22.76 35.50
N SER A 343 -12.26 23.34 34.73
CA SER A 343 -12.01 24.82 34.70
C SER A 343 -13.27 25.49 34.22
N GLN A 344 -13.85 24.93 33.14
CA GLN A 344 -15.08 25.39 32.52
C GLN A 344 -16.27 25.24 33.45
N TYR A 345 -16.35 24.10 34.18
CA TYR A 345 -17.45 23.87 35.12
C TYR A 345 -17.42 24.94 36.22
N GLN A 346 -16.20 25.22 36.76
CA GLN A 346 -15.93 26.22 37.79
C GLN A 346 -16.45 27.60 37.35
N GLN A 347 -16.06 28.02 36.13
CA GLN A 347 -16.43 29.27 35.48
C GLN A 347 -17.93 29.37 35.25
N ALA A 348 -18.60 28.26 35.00
CA ALA A 348 -20.05 28.24 34.76
C ALA A 348 -20.79 28.44 36.05
N ILE A 349 -20.24 27.91 37.18
CA ILE A 349 -20.82 28.06 38.51
C ILE A 349 -20.55 29.50 38.95
N TYR A 350 -19.26 29.93 38.91
CA TYR A 350 -18.79 31.29 39.22
C TYR A 350 -19.68 32.37 38.55
N LYS A 351 -20.05 32.15 37.27
CA LYS A 351 -20.91 33.04 36.49
C LYS A 351 -22.33 33.02 37.00
N CYS A 352 -22.88 31.81 37.28
CA CYS A 352 -24.26 31.61 37.77
C CYS A 352 -24.49 32.22 39.15
N LEU A 353 -23.46 32.17 40.02
CA LEU A 353 -23.58 32.67 41.38
C LEU A 353 -23.74 34.19 41.37
N LEU A 354 -22.89 34.90 40.59
CA LEU A 354 -22.97 36.35 40.43
C LEU A 354 -24.32 36.77 39.85
N ASP A 355 -24.83 36.02 38.87
CA ASP A 355 -26.11 36.32 38.25
C ASP A 355 -27.29 36.11 39.21
N ARG A 356 -27.16 35.14 40.15
CA ARG A 356 -28.23 34.79 41.09
C ARG A 356 -28.22 35.61 42.38
N VAL A 357 -27.01 36.05 42.87
CA VAL A 357 -26.93 36.82 44.13
C VAL A 357 -26.05 38.10 43.99
N PRO A 358 -26.67 39.30 44.15
CA PRO A 358 -25.91 40.56 44.01
C PRO A 358 -24.94 40.85 45.16
N GLU A 359 -23.95 41.75 44.93
CA GLU A 359 -22.89 42.14 45.89
C GLU A 359 -23.43 42.65 47.24
N GLU A 360 -24.62 43.24 47.23
CA GLU A 360 -25.30 43.69 48.45
C GLU A 360 -25.74 42.49 49.31
N GLU A 361 -26.13 41.36 48.65
CA GLU A 361 -26.60 40.12 49.30
C GLU A 361 -25.48 39.10 49.55
N LYS A 362 -24.21 39.46 49.23
CA LYS A 362 -23.02 38.59 49.29
C LYS A 362 -22.77 37.91 50.67
N ASP A 363 -23.51 38.31 51.72
CA ASP A 363 -23.37 37.69 53.05
C ASP A 363 -24.70 37.24 53.64
N THR A 364 -25.83 37.67 53.03
CA THR A 364 -27.16 37.25 53.50
C THR A 364 -27.62 35.94 52.79
N ASN A 365 -27.34 35.82 51.47
CA ASN A 365 -27.79 34.72 50.62
C ASN A 365 -26.79 33.58 50.51
N VAL A 366 -27.25 32.38 50.88
CA VAL A 366 -26.44 31.17 50.76
C VAL A 366 -27.10 30.26 49.70
N GLN A 367 -26.38 30.04 48.58
CA GLN A 367 -26.89 29.27 47.44
C GLN A 367 -26.82 27.77 47.68
N VAL A 368 -27.95 27.10 47.51
CA VAL A 368 -28.03 25.65 47.65
C VAL A 368 -27.62 25.00 46.30
N LEU A 369 -26.42 24.43 46.28
CA LEU A 369 -25.87 23.75 45.13
C LEU A 369 -25.92 22.24 45.34
N MET A 370 -26.41 21.49 44.32
CA MET A 370 -26.49 20.03 44.36
C MET A 370 -25.71 19.39 43.22
N VAL A 371 -24.63 18.68 43.55
CA VAL A 371 -23.82 17.95 42.58
C VAL A 371 -24.46 16.61 42.40
N LEU A 372 -25.03 16.36 41.23
CA LEU A 372 -25.77 15.14 40.95
C LEU A 372 -24.95 14.17 40.16
N GLY A 373 -24.33 13.23 40.87
CA GLY A 373 -23.41 12.25 40.32
C GLY A 373 -22.01 12.75 40.60
N ALA A 374 -21.70 12.86 41.90
CA ALA A 374 -20.52 13.50 42.45
C ALA A 374 -19.22 12.72 42.30
N GLY A 375 -19.32 11.43 42.00
CA GLY A 375 -18.15 10.57 41.83
C GLY A 375 -17.20 10.63 43.00
N ARG A 376 -15.95 11.04 42.74
CA ARG A 376 -14.96 11.25 43.80
C ARG A 376 -14.87 12.78 44.27
N GLY A 377 -15.83 13.60 43.84
CA GLY A 377 -15.96 15.01 44.21
C GLY A 377 -15.24 16.10 43.40
N PRO A 378 -14.92 15.93 42.08
CA PRO A 378 -14.23 17.04 41.36
C PRO A 378 -15.13 18.23 41.12
N LEU A 379 -16.44 18.00 40.97
CA LEU A 379 -17.44 19.08 40.82
C LEU A 379 -17.82 19.69 42.17
N VAL A 380 -17.64 18.95 43.28
CA VAL A 380 -17.90 19.47 44.63
C VAL A 380 -16.79 20.52 44.94
N ASN A 381 -15.50 20.15 44.65
CA ASN A 381 -14.35 21.02 44.79
C ASN A 381 -14.44 22.23 43.85
N ALA A 382 -14.86 22.00 42.57
CA ALA A 382 -14.99 23.07 41.57
C ALA A 382 -16.08 24.06 41.96
N SER A 383 -17.10 23.60 42.68
CA SER A 383 -18.19 24.46 43.19
C SER A 383 -17.66 25.33 44.33
N LEU A 384 -16.80 24.75 45.18
CA LEU A 384 -16.21 25.45 46.32
C LEU A 384 -15.28 26.53 45.82
N ARG A 385 -14.47 26.21 44.78
CA ARG A 385 -13.53 27.15 44.18
C ARG A 385 -14.25 28.27 43.47
N ALA A 386 -15.43 27.97 42.89
CA ALA A 386 -16.26 28.96 42.20
C ALA A 386 -16.80 29.96 43.22
N ALA A 387 -17.22 29.48 44.42
CA ALA A 387 -17.72 30.32 45.53
C ALA A 387 -16.63 31.24 46.12
N LYS A 388 -15.38 30.73 46.27
CA LYS A 388 -14.23 31.49 46.77
C LYS A 388 -13.61 32.36 45.65
N GLN A 389 -14.39 32.65 44.60
CA GLN A 389 -13.94 33.45 43.46
C GLN A 389 -14.99 34.49 43.21
N ALA A 390 -16.26 34.05 43.24
CA ALA A 390 -17.43 34.89 43.12
C ALA A 390 -17.66 35.62 44.44
N ASP A 391 -16.94 35.17 45.52
CA ASP A 391 -17.07 35.65 46.90
C ASP A 391 -18.53 35.56 47.33
N ARG A 392 -19.11 34.35 47.21
CA ARG A 392 -20.51 34.10 47.60
C ARG A 392 -20.64 32.88 48.51
N ARG A 393 -21.77 32.81 49.24
CA ARG A 393 -22.04 31.74 50.21
C ARG A 393 -22.76 30.55 49.55
N ILE A 394 -22.20 29.33 49.71
CA ILE A 394 -22.81 28.12 49.13
C ILE A 394 -23.00 26.98 50.13
N LYS A 395 -24.07 26.23 49.96
CA LYS A 395 -24.34 25.00 50.66
C LYS A 395 -24.24 23.89 49.60
N LEU A 396 -23.57 22.79 49.93
CA LEU A 396 -23.41 21.71 48.97
C LEU A 396 -24.02 20.41 49.40
N TYR A 397 -24.61 19.71 48.42
CA TYR A 397 -25.12 18.34 48.56
C TYR A 397 -24.43 17.56 47.46
N ALA A 398 -23.67 16.53 47.85
CA ALA A 398 -22.92 15.69 46.91
C ALA A 398 -23.58 14.34 46.80
N VAL A 399 -24.51 14.21 45.83
CA VAL A 399 -25.29 12.99 45.58
C VAL A 399 -24.50 12.04 44.67
N GLU A 400 -24.40 10.77 45.08
CA GLU A 400 -23.64 9.74 44.36
C GLU A 400 -24.21 8.34 44.64
N LYS A 401 -24.54 7.59 43.58
CA LYS A 401 -25.12 6.27 43.74
C LYS A 401 -24.08 5.19 43.98
N ASN A 402 -22.89 5.29 43.34
CA ASN A 402 -21.81 4.32 43.47
C ASN A 402 -21.26 4.33 44.91
N PRO A 403 -21.68 3.34 45.76
CA PRO A 403 -21.21 3.34 47.17
C PRO A 403 -19.70 3.35 47.33
N ASN A 404 -18.96 2.87 46.35
CA ASN A 404 -17.49 2.83 46.38
C ASN A 404 -16.93 4.23 46.21
N ALA A 405 -17.51 5.02 45.28
CA ALA A 405 -17.12 6.41 45.08
C ALA A 405 -17.49 7.21 46.36
N VAL A 406 -18.68 6.90 46.98
CA VAL A 406 -19.16 7.51 48.23
C VAL A 406 -18.13 7.39 49.39
N VAL A 407 -17.37 6.28 49.44
CA VAL A 407 -16.32 6.08 50.45
C VAL A 407 -15.29 7.22 50.32
N THR A 408 -14.94 7.59 49.06
CA THR A 408 -13.99 8.64 48.74
C THR A 408 -14.55 10.00 49.15
N LEU A 409 -15.85 10.20 48.91
CA LEU A 409 -16.57 11.41 49.21
C LEU A 409 -16.67 11.64 50.72
N GLU A 410 -17.00 10.59 51.50
CA GLU A 410 -17.19 10.68 52.96
C GLU A 410 -15.86 10.82 53.72
N ASN A 411 -14.76 10.28 53.15
CA ASN A 411 -13.44 10.45 53.71
C ASN A 411 -12.93 11.87 53.38
N TRP A 412 -13.48 12.47 52.29
CA TRP A 412 -13.15 13.82 51.86
C TRP A 412 -13.93 14.80 52.74
N GLN A 413 -15.22 14.50 52.97
CA GLN A 413 -16.11 15.33 53.77
C GLN A 413 -15.64 15.46 55.22
N PHE A 414 -15.11 14.35 55.80
CA PHE A 414 -14.61 14.36 57.16
C PHE A 414 -13.30 15.12 57.28
N GLU A 415 -12.31 14.77 56.43
CA GLU A 415 -10.95 15.36 56.47
C GLU A 415 -10.83 16.79 55.92
N GLU A 416 -11.75 17.26 55.04
CA GLU A 416 -11.65 18.60 54.44
C GLU A 416 -12.98 19.40 54.42
N TRP A 417 -13.83 19.12 53.43
CA TRP A 417 -15.10 19.82 53.17
C TRP A 417 -15.90 20.28 54.42
N GLY A 418 -15.96 19.44 55.45
CA GLY A 418 -16.72 19.74 56.65
C GLY A 418 -18.22 19.78 56.43
N SER A 419 -18.96 20.27 57.44
CA SER A 419 -20.43 20.39 57.44
C SER A 419 -21.01 21.17 56.23
N GLN A 420 -20.15 21.94 55.50
CA GLN A 420 -20.55 22.69 54.31
C GLN A 420 -21.13 21.78 53.19
N VAL A 421 -20.58 20.52 53.08
CA VAL A 421 -21.00 19.50 52.10
C VAL A 421 -21.74 18.31 52.75
N THR A 422 -22.98 18.05 52.30
CA THR A 422 -23.79 16.92 52.75
C THR A 422 -23.67 15.76 51.71
N VAL A 423 -22.89 14.71 52.02
CA VAL A 423 -22.75 13.55 51.13
C VAL A 423 -24.03 12.70 51.17
N VAL A 424 -24.72 12.55 50.01
CA VAL A 424 -25.94 11.75 49.89
C VAL A 424 -25.63 10.48 49.08
N SER A 425 -25.84 9.30 49.69
CA SER A 425 -25.61 8.02 49.03
C SER A 425 -26.95 7.48 48.56
N SER A 426 -27.33 7.88 47.33
CA SER A 426 -28.61 7.55 46.75
C SER A 426 -28.60 7.73 45.25
N ASP A 427 -29.63 7.20 44.62
CA ASP A 427 -29.93 7.37 43.21
C ASP A 427 -30.67 8.73 43.18
N MET A 428 -30.30 9.66 42.28
CA MET A 428 -30.90 11.01 42.24
C MET A 428 -32.41 11.03 41.91
N ARG A 429 -32.92 9.93 41.35
CA ARG A 429 -34.32 9.79 40.98
C ARG A 429 -35.14 9.28 42.18
N GLU A 430 -34.45 8.77 43.21
CA GLU A 430 -35.09 8.19 44.38
C GLU A 430 -35.02 9.10 45.60
N TRP A 431 -33.97 9.93 45.67
CA TRP A 431 -33.67 10.81 46.79
C TRP A 431 -34.80 11.77 47.12
N VAL A 432 -35.11 11.86 48.42
CA VAL A 432 -36.08 12.81 48.97
C VAL A 432 -35.22 13.88 49.62
N ALA A 433 -35.05 15.00 48.92
CA ALA A 433 -34.22 16.12 49.35
C ALA A 433 -34.87 16.91 50.48
N PRO A 434 -34.09 17.37 51.49
CA PRO A 434 -34.70 18.14 52.60
C PRO A 434 -35.20 19.52 52.13
N GLU A 435 -34.43 20.17 51.22
CA GLU A 435 -34.74 21.48 50.63
C GLU A 435 -34.53 21.47 49.11
N LYS A 436 -34.83 22.59 48.45
CA LYS A 436 -34.66 22.68 47.01
C LYS A 436 -33.32 23.30 46.68
N ALA A 437 -32.87 23.13 45.43
CA ALA A 437 -31.58 23.69 45.00
C ALA A 437 -31.76 24.93 44.12
N ASP A 438 -30.79 25.83 44.18
CA ASP A 438 -30.69 27.01 43.34
C ASP A 438 -30.01 26.57 42.01
N ILE A 439 -29.03 25.65 42.13
CA ILE A 439 -28.27 25.09 41.02
C ILE A 439 -28.00 23.62 41.25
N ILE A 440 -28.35 22.81 40.26
CA ILE A 440 -27.98 21.41 40.22
C ILE A 440 -26.86 21.29 39.18
N VAL A 441 -25.69 20.82 39.61
CA VAL A 441 -24.50 20.65 38.75
C VAL A 441 -24.30 19.13 38.50
N SER A 442 -23.82 18.74 37.29
CA SER A 442 -23.61 17.31 36.96
C SER A 442 -22.69 17.15 35.78
N GLU A 443 -22.09 15.96 35.64
CA GLU A 443 -21.22 15.61 34.52
C GLU A 443 -21.63 14.19 34.03
N LEU A 444 -22.95 14.04 33.73
CA LEU A 444 -23.53 12.77 33.31
C LEU A 444 -23.42 12.50 31.81
N LEU A 445 -22.62 13.31 31.08
CA LEU A 445 -22.53 13.24 29.64
C LEU A 445 -21.54 12.22 29.08
N GLY A 446 -21.97 11.53 28.03
CA GLY A 446 -21.13 10.58 27.30
C GLY A 446 -20.58 11.18 26.02
N SER A 447 -19.86 10.41 25.22
CA SER A 447 -19.31 10.90 23.96
C SER A 447 -20.36 11.29 22.95
N PHE A 448 -21.60 10.81 23.14
CA PHE A 448 -22.72 11.14 22.26
C PHE A 448 -23.76 11.94 23.04
N ALA A 449 -23.26 12.62 24.09
CA ALA A 449 -23.97 13.47 25.04
C ALA A 449 -24.84 12.67 25.99
N ASP A 450 -26.03 12.32 25.55
CA ASP A 450 -27.10 11.65 26.28
C ASP A 450 -26.96 10.13 26.33
N ASN A 451 -25.83 9.57 25.93
CA ASN A 451 -25.69 8.11 25.85
C ASN A 451 -25.47 7.45 27.18
N GLU A 452 -25.04 8.21 28.18
CA GLU A 452 -24.88 7.67 29.50
C GLU A 452 -26.11 7.93 30.34
N LEU A 453 -27.21 8.39 29.68
CA LEU A 453 -28.57 8.63 30.20
C LEU A 453 -28.71 9.92 31.06
N SER A 454 -27.96 10.97 30.69
CA SER A 454 -28.09 12.29 31.34
C SER A 454 -29.55 12.83 31.33
N PRO A 455 -30.35 12.71 30.23
CA PRO A 455 -31.74 13.21 30.27
C PRO A 455 -32.61 12.57 31.35
N GLU A 456 -32.64 11.22 31.40
CA GLU A 456 -33.49 10.47 32.33
C GLU A 456 -33.11 10.76 33.77
N CYS A 457 -31.79 10.85 34.05
CA CYS A 457 -31.27 11.13 35.39
C CYS A 457 -31.77 12.50 35.85
N LEU A 458 -31.51 13.55 35.06
CA LEU A 458 -31.89 14.92 35.38
C LEU A 458 -33.41 15.16 35.38
N ASP A 459 -34.19 14.32 34.69
CA ASP A 459 -35.67 14.47 34.77
C ASP A 459 -36.21 13.99 36.13
N GLY A 460 -35.59 12.96 36.69
CA GLY A 460 -35.98 12.38 37.97
C GLY A 460 -35.57 13.24 39.14
N ALA A 461 -34.64 14.16 38.90
CA ALA A 461 -34.08 15.04 39.90
C ALA A 461 -34.68 16.47 39.87
N GLN A 462 -35.22 16.91 38.72
CA GLN A 462 -35.73 18.29 38.56
C GLN A 462 -36.94 18.65 39.48
N HIS A 463 -37.45 17.71 40.27
CA HIS A 463 -38.51 18.01 41.23
C HIS A 463 -37.92 18.75 42.44
N PHE A 464 -36.59 18.59 42.73
CA PHE A 464 -35.94 19.26 43.87
C PHE A 464 -35.12 20.49 43.45
N LEU A 465 -35.33 20.97 42.22
CA LEU A 465 -34.71 22.19 41.76
C LEU A 465 -35.75 23.32 41.94
N LYS A 466 -35.34 24.47 42.55
CA LYS A 466 -36.26 25.61 42.75
C LYS A 466 -37.00 25.99 41.44
N ASP A 467 -38.20 26.63 41.54
CA ASP A 467 -38.99 27.04 40.36
C ASP A 467 -38.22 27.91 39.37
N ASP A 468 -37.13 28.57 39.83
CA ASP A 468 -36.28 29.43 39.02
C ASP A 468 -34.85 28.86 38.95
N GLY A 469 -34.70 27.58 39.31
CA GLY A 469 -33.41 26.90 39.38
C GLY A 469 -32.65 26.75 38.08
N VAL A 470 -31.32 26.64 38.19
CA VAL A 470 -30.40 26.47 37.05
C VAL A 470 -29.82 25.03 37.06
N SER A 471 -29.57 24.47 35.85
CA SER A 471 -28.88 23.22 35.65
C SER A 471 -27.58 23.48 34.92
N ILE A 472 -26.45 23.03 35.47
CA ILE A 472 -25.15 23.09 34.80
C ILE A 472 -24.72 21.59 34.54
N PRO A 473 -24.82 21.07 33.27
CA PRO A 473 -25.18 21.76 32.01
C PRO A 473 -26.65 22.07 31.79
N GLY A 474 -26.92 23.14 31.04
CA GLY A 474 -28.27 23.59 30.73
C GLY A 474 -28.75 23.04 29.40
N GLU A 475 -27.82 22.70 28.52
CA GLU A 475 -28.18 22.19 27.20
C GLU A 475 -27.09 21.32 26.63
N TYR A 476 -27.47 20.28 25.88
CA TYR A 476 -26.48 19.48 25.13
C TYR A 476 -27.04 19.01 23.81
N THR A 477 -26.17 18.95 22.81
CA THR A 477 -26.53 18.59 21.44
C THR A 477 -25.48 17.58 20.96
N SER A 478 -25.96 16.46 20.37
CA SER A 478 -25.07 15.49 19.76
C SER A 478 -25.01 15.77 18.25
N PHE A 479 -23.97 15.30 17.59
CA PHE A 479 -23.75 15.52 16.15
C PHE A 479 -23.32 14.20 15.50
N LEU A 480 -23.70 13.98 14.23
CA LEU A 480 -23.26 12.81 13.49
C LEU A 480 -22.60 13.23 12.23
N ALA A 481 -21.66 12.40 11.70
CA ALA A 481 -20.99 12.63 10.41
C ALA A 481 -20.69 11.31 9.72
N PRO A 482 -21.03 11.15 8.41
CA PRO A 482 -20.66 9.91 7.71
C PRO A 482 -19.13 9.74 7.58
N ILE A 483 -18.64 8.53 7.78
CA ILE A 483 -17.20 8.28 7.65
C ILE A 483 -16.92 7.08 6.77
N SER A 484 -15.72 7.08 6.20
CA SER A 484 -15.16 5.97 5.48
C SER A 484 -13.94 5.52 6.23
N SER A 485 -13.88 4.25 6.57
CA SER A 485 -12.73 3.60 7.18
C SER A 485 -12.81 2.09 7.04
N SER A 486 -12.14 1.55 6.05
CA SER A 486 -12.06 0.10 5.87
C SER A 486 -11.39 -0.55 7.07
N LYS A 487 -10.42 0.15 7.71
CA LYS A 487 -9.72 -0.30 8.92
C LYS A 487 -10.69 -0.46 10.12
N LEU A 488 -11.55 0.52 10.33
CA LEU A 488 -12.51 0.45 11.43
C LEU A 488 -13.66 -0.53 11.14
N TYR A 489 -14.10 -0.65 9.85
CA TYR A 489 -15.09 -1.65 9.44
C TYR A 489 -14.58 -3.07 9.81
N ASN A 490 -13.32 -3.34 9.47
CA ASN A 490 -12.70 -4.66 9.72
C ASN A 490 -12.45 -4.88 11.21
N GLU A 491 -12.11 -3.81 11.93
CA GLU A 491 -11.90 -3.78 13.38
C GLU A 491 -13.19 -4.20 14.12
N VAL A 492 -14.36 -3.64 13.69
CA VAL A 492 -15.71 -3.99 14.18
C VAL A 492 -16.02 -5.43 13.79
N ARG A 493 -15.86 -5.79 12.51
CA ARG A 493 -16.17 -7.14 11.98
C ARG A 493 -15.52 -8.24 12.84
N ALA A 494 -14.29 -7.97 13.29
CA ALA A 494 -13.51 -8.88 14.14
C ALA A 494 -14.02 -8.97 15.58
N CYS A 495 -15.07 -8.19 15.95
CA CYS A 495 -15.65 -8.18 17.30
C CYS A 495 -16.78 -9.21 17.48
N ARG A 496 -16.74 -10.30 16.69
CA ARG A 496 -17.72 -11.37 16.76
C ARG A 496 -17.51 -12.22 18.00
N GLU A 497 -18.52 -12.32 18.86
CA GLU A 497 -18.46 -13.13 20.08
C GLU A 497 -19.38 -14.34 19.94
N LYS A 498 -18.92 -15.49 20.44
CA LYS A 498 -19.75 -16.70 20.47
C LYS A 498 -20.93 -16.47 21.41
N ASP A 499 -22.00 -17.29 21.28
CA ASP A 499 -23.20 -17.24 22.13
C ASP A 499 -24.00 -15.94 21.99
N ARG A 500 -23.97 -15.34 20.81
CA ARG A 500 -24.75 -14.16 20.46
C ARG A 500 -24.91 -14.04 18.95
N ASP A 501 -25.81 -13.16 18.50
CA ASP A 501 -26.02 -12.87 17.10
C ASP A 501 -24.66 -12.67 16.43
N PRO A 502 -24.38 -13.44 15.36
CA PRO A 502 -23.08 -13.28 14.67
C PRO A 502 -22.91 -11.92 13.99
N GLU A 503 -23.97 -11.11 13.98
CA GLU A 503 -23.90 -9.77 13.37
C GLU A 503 -24.08 -8.64 14.42
N ALA A 504 -24.17 -9.00 15.74
CA ALA A 504 -24.43 -8.07 16.86
C ALA A 504 -23.42 -6.94 17.01
N GLN A 505 -22.13 -7.20 16.77
CA GLN A 505 -21.06 -6.19 16.82
C GLN A 505 -21.30 -4.95 15.93
N PHE A 506 -22.17 -5.06 14.90
CA PHE A 506 -22.46 -3.94 13.99
C PHE A 506 -23.64 -3.09 14.46
N GLU A 507 -24.42 -3.63 15.40
CA GLU A 507 -25.58 -3.00 15.96
C GLU A 507 -25.26 -2.38 17.34
N MET A 508 -24.01 -1.90 17.53
CA MET A 508 -23.65 -1.24 18.77
C MET A 508 -22.65 -0.15 18.55
N PRO A 509 -22.76 0.99 19.29
CA PRO A 509 -21.72 2.04 19.16
C PRO A 509 -20.46 1.70 19.93
N TYR A 510 -19.35 2.37 19.60
CA TYR A 510 -18.03 2.17 20.19
C TYR A 510 -17.40 3.52 20.50
N VAL A 511 -16.70 3.64 21.62
CA VAL A 511 -15.95 4.85 21.89
C VAL A 511 -14.55 4.55 21.38
N VAL A 512 -14.12 5.32 20.41
CA VAL A 512 -12.88 5.09 19.71
C VAL A 512 -12.26 6.43 19.35
N ARG A 513 -10.90 6.48 19.38
CA ARG A 513 -10.12 7.58 18.90
C ARG A 513 -9.94 7.35 17.40
N LEU A 514 -10.94 7.78 16.60
CA LEU A 514 -10.90 7.63 15.14
C LEU A 514 -9.62 8.25 14.61
N HIS A 515 -8.82 7.45 13.92
CA HIS A 515 -7.55 7.89 13.38
C HIS A 515 -7.47 7.65 11.83
N ASN A 516 -7.35 6.39 11.39
CA ASN A 516 -7.32 6.05 9.96
C ASN A 516 -8.76 6.06 9.40
N PHE A 517 -9.28 7.23 9.08
CA PHE A 517 -10.64 7.38 8.54
C PHE A 517 -10.74 8.62 7.64
N HIS A 518 -11.91 8.80 7.00
CA HIS A 518 -12.18 9.94 6.13
C HIS A 518 -13.58 10.44 6.47
N GLN A 519 -13.68 11.69 6.92
CA GLN A 519 -14.99 12.28 7.23
C GLN A 519 -15.66 12.73 5.93
N LEU A 520 -16.71 12.01 5.53
CA LEU A 520 -17.39 12.21 4.24
C LEU A 520 -18.24 13.47 4.13
N SER A 521 -18.67 14.05 5.28
CA SER A 521 -19.49 15.26 5.27
C SER A 521 -19.39 15.96 6.61
N ALA A 522 -19.70 17.26 6.66
CA ALA A 522 -19.61 18.04 7.89
C ALA A 522 -20.61 17.52 8.97
N PRO A 523 -20.19 17.37 10.26
CA PRO A 523 -21.14 16.93 11.30
C PRO A 523 -22.38 17.79 11.35
N GLN A 524 -23.55 17.14 11.50
CA GLN A 524 -24.82 17.84 11.59
C GLN A 524 -25.48 17.47 12.92
N PRO A 525 -26.17 18.42 13.58
CA PRO A 525 -26.76 18.12 14.90
C PRO A 525 -27.77 16.98 14.82
N CYS A 526 -27.74 16.09 15.82
CA CYS A 526 -28.63 14.94 15.89
C CYS A 526 -29.71 15.12 16.98
N PHE A 527 -29.38 14.89 18.28
CA PHE A 527 -30.38 15.01 19.35
C PHE A 527 -30.03 16.12 20.34
N THR A 528 -31.04 16.94 20.68
CA THR A 528 -30.88 18.04 21.66
C THR A 528 -31.76 17.82 22.91
N PHE A 529 -31.19 18.09 24.07
CA PHE A 529 -31.87 18.05 25.36
C PHE A 529 -31.57 19.33 26.13
N SER A 530 -32.57 19.84 26.84
CA SER A 530 -32.44 21.05 27.64
C SER A 530 -32.88 20.83 29.09
N HIS A 531 -32.10 21.36 30.05
CA HIS A 531 -32.44 21.21 31.47
C HIS A 531 -32.47 22.54 32.20
N PRO A 532 -33.55 22.83 32.98
CA PRO A 532 -34.71 21.97 33.29
C PRO A 532 -35.61 21.75 32.08
N ASN A 533 -36.30 20.61 32.05
CA ASN A 533 -37.23 20.28 30.99
C ASN A 533 -38.60 20.83 31.41
N ARG A 534 -38.91 22.04 30.93
CA ARG A 534 -40.16 22.75 31.28
C ARG A 534 -41.40 22.17 30.56
N ASP A 535 -41.18 21.22 29.60
CA ASP A 535 -42.23 20.53 28.83
C ASP A 535 -43.30 19.90 29.74
N PRO A 536 -44.61 20.04 29.41
CA PRO A 536 -45.66 19.45 30.28
C PRO A 536 -45.65 17.92 30.28
N MET A 537 -45.36 17.32 29.12
CA MET A 537 -45.23 15.87 28.94
C MET A 537 -43.80 15.64 28.46
N ILE A 538 -42.92 15.18 29.36
CA ILE A 538 -41.51 14.98 29.00
C ILE A 538 -41.32 13.70 28.18
N ASP A 539 -40.79 13.86 26.94
CA ASP A 539 -40.50 12.75 26.04
C ASP A 539 -39.03 12.81 25.58
N ASN A 540 -38.23 11.84 26.02
CA ASN A 540 -36.80 11.79 25.68
C ASN A 540 -36.53 10.98 24.42
N ASN A 541 -37.58 10.37 23.84
CA ASN A 541 -37.49 9.62 22.57
C ASN A 541 -37.33 10.59 21.41
N ARG A 542 -36.70 10.13 20.32
CA ARG A 542 -36.37 10.98 19.17
C ARG A 542 -36.34 10.24 17.87
N TYR A 543 -36.70 10.93 16.78
CA TYR A 543 -36.57 10.46 15.42
C TYR A 543 -36.02 11.65 14.67
N CYS A 544 -34.92 11.44 13.94
CA CYS A 544 -34.22 12.50 13.24
C CYS A 544 -33.70 12.05 11.86
N THR A 545 -33.92 12.87 10.83
CA THR A 545 -33.40 12.59 9.48
C THR A 545 -32.28 13.56 9.11
N LEU A 546 -31.09 13.02 8.76
CA LEU A 546 -29.95 13.85 8.33
C LEU A 546 -29.61 13.59 6.88
N GLU A 547 -29.33 14.67 6.14
CA GLU A 547 -28.95 14.59 4.73
C GLU A 547 -27.56 15.13 4.53
N PHE A 548 -26.63 14.23 4.27
CA PHE A 548 -25.24 14.53 4.14
C PHE A 548 -24.76 14.59 2.70
N PRO A 549 -24.35 15.80 2.24
CA PRO A 549 -23.79 15.92 0.89
C PRO A 549 -22.37 15.37 0.78
N VAL A 550 -22.16 14.49 -0.16
CA VAL A 550 -20.82 13.90 -0.36
C VAL A 550 -20.29 14.40 -1.70
N GLU A 551 -19.10 15.00 -1.70
N GLU A 551 -19.10 15.04 -1.69
CA GLU A 551 -18.49 15.53 -2.91
CA GLU A 551 -18.48 15.55 -2.91
C GLU A 551 -17.27 14.69 -3.34
C GLU A 551 -17.25 14.70 -3.33
N VAL A 552 -17.24 13.41 -2.94
CA VAL A 552 -16.16 12.46 -3.28
C VAL A 552 -16.75 11.10 -3.62
N ASN A 553 -15.96 10.23 -4.23
CA ASN A 553 -16.35 8.85 -4.45
C ASN A 553 -15.80 8.14 -3.24
N THR A 554 -16.58 7.22 -2.64
CA THR A 554 -16.19 6.63 -1.36
C THR A 554 -16.94 5.35 -1.04
N VAL A 555 -16.73 4.84 0.20
CA VAL A 555 -17.44 3.70 0.77
C VAL A 555 -17.83 4.03 2.20
N LEU A 556 -19.13 4.11 2.46
CA LEU A 556 -19.67 4.45 3.79
C LEU A 556 -19.50 3.24 4.70
N HIS A 557 -18.81 3.44 5.85
CA HIS A 557 -18.52 2.37 6.83
C HIS A 557 -19.25 2.60 8.18
N GLY A 558 -19.70 3.82 8.40
CA GLY A 558 -20.39 4.20 9.63
C GLY A 558 -20.47 5.68 9.86
N PHE A 559 -20.85 6.06 11.09
CA PHE A 559 -21.07 7.44 11.47
C PHE A 559 -20.34 7.78 12.72
N ALA A 560 -19.51 8.84 12.69
CA ALA A 560 -18.81 9.37 13.86
C ALA A 560 -19.76 10.28 14.56
N GLY A 561 -19.90 10.08 15.86
CA GLY A 561 -20.75 10.88 16.69
C GLY A 561 -19.94 11.75 17.63
N TYR A 562 -20.46 12.95 17.92
CA TYR A 562 -19.79 13.94 18.75
C TYR A 562 -20.83 14.67 19.60
N PHE A 563 -20.36 15.60 20.43
CA PHE A 563 -21.29 16.44 21.17
C PHE A 563 -20.76 17.84 21.48
N GLU A 564 -21.69 18.72 21.88
CA GLU A 564 -21.44 20.08 22.33
C GLU A 564 -22.38 20.30 23.52
N THR A 565 -21.91 21.01 24.55
CA THR A 565 -22.79 21.32 25.68
C THR A 565 -22.62 22.73 26.16
N VAL A 566 -23.75 23.35 26.53
CA VAL A 566 -23.78 24.65 27.20
C VAL A 566 -23.83 24.36 28.70
N LEU A 567 -22.75 24.65 29.42
CA LEU A 567 -22.76 24.51 30.88
C LEU A 567 -23.54 25.70 31.44
N TYR A 568 -23.06 26.92 31.15
CA TYR A 568 -23.73 28.18 31.53
C TYR A 568 -23.40 29.28 30.53
N GLN A 569 -24.43 29.81 29.85
CA GLN A 569 -24.31 30.91 28.88
C GLN A 569 -23.30 30.63 27.76
N ASP A 570 -22.15 31.32 27.76
CA ASP A 570 -21.11 31.18 26.74
C ASP A 570 -20.06 30.15 27.14
N ILE A 571 -20.19 29.60 28.35
CA ILE A 571 -19.24 28.62 28.84
C ILE A 571 -19.66 27.24 28.38
N THR A 572 -18.85 26.67 27.47
CA THR A 572 -19.19 25.41 26.79
C THR A 572 -18.06 24.43 26.79
N LEU A 573 -18.41 23.20 26.41
CA LEU A 573 -17.48 22.09 26.14
C LEU A 573 -17.92 21.51 24.80
N SER A 574 -16.94 21.07 23.98
CA SER A 574 -17.25 20.48 22.68
C SER A 574 -16.23 19.46 22.23
N ILE A 575 -16.71 18.38 21.56
CA ILE A 575 -15.80 17.39 20.98
C ILE A 575 -16.00 17.32 19.45
N ARG A 576 -16.97 18.09 18.92
CA ARG A 576 -17.22 18.30 17.49
C ARG A 576 -15.94 18.89 16.94
N PRO A 577 -15.25 18.25 15.97
CA PRO A 577 -13.93 18.75 15.53
C PRO A 577 -13.85 20.26 15.18
N GLU A 578 -14.92 20.84 14.58
CA GLU A 578 -14.93 22.26 14.17
C GLU A 578 -14.86 23.21 15.36
N THR A 579 -15.40 22.79 16.52
CA THR A 579 -15.48 23.62 17.72
C THR A 579 -14.87 22.94 18.96
N HIS A 580 -14.04 21.88 18.75
CA HIS A 580 -13.43 21.09 19.85
C HIS A 580 -12.75 21.98 20.86
N SER A 581 -13.14 21.84 22.16
CA SER A 581 -12.55 22.57 23.30
C SER A 581 -11.04 22.27 23.35
N PRO A 582 -10.17 23.30 23.33
CA PRO A 582 -8.72 23.02 23.25
C PRO A 582 -8.10 22.47 24.52
N GLY A 583 -7.39 21.35 24.40
CA GLY A 583 -6.71 20.69 25.50
C GLY A 583 -7.57 19.75 26.34
N MET A 584 -8.86 19.57 25.95
CA MET A 584 -9.81 18.74 26.68
C MET A 584 -9.85 17.34 26.08
N PHE A 585 -9.35 16.35 26.82
CA PHE A 585 -9.25 14.99 26.31
C PHE A 585 -10.12 13.92 27.05
N SER A 586 -11.28 14.31 27.61
CA SER A 586 -12.13 13.36 28.34
C SER A 586 -12.93 12.42 27.44
N TRP A 587 -13.57 12.94 26.40
CA TRP A 587 -14.39 12.13 25.52
C TRP A 587 -13.75 11.95 24.18
N PHE A 588 -13.69 10.69 23.73
CA PHE A 588 -13.23 10.36 22.40
C PHE A 588 -14.49 10.26 21.56
N PRO A 589 -14.44 10.38 20.20
CA PRO A 589 -15.68 10.23 19.44
C PRO A 589 -16.35 8.82 19.55
N ILE A 590 -17.65 8.76 19.23
CA ILE A 590 -18.39 7.51 19.26
C ILE A 590 -18.56 6.97 17.80
N LEU A 591 -18.80 5.67 17.63
CA LEU A 591 -18.96 5.15 16.28
C LEU A 591 -20.15 4.27 16.18
N PHE A 592 -21.02 4.58 15.23
CA PHE A 592 -22.17 3.78 14.91
C PHE A 592 -21.87 3.09 13.58
N PRO A 593 -21.49 1.80 13.56
CA PRO A 593 -21.19 1.16 12.27
C PRO A 593 -22.42 0.71 11.52
N ILE A 594 -22.24 0.30 10.28
CA ILE A 594 -23.30 -0.32 9.45
C ILE A 594 -22.82 -1.74 9.01
N LYS A 595 -23.72 -2.72 9.04
CA LYS A 595 -23.45 -4.15 8.71
C LYS A 595 -22.80 -4.33 7.35
N GLN A 596 -23.32 -3.62 6.34
CA GLN A 596 -22.79 -3.72 4.99
C GLN A 596 -22.30 -2.38 4.47
N PRO A 597 -21.04 -2.31 3.95
CA PRO A 597 -20.55 -1.06 3.36
C PRO A 597 -21.43 -0.57 2.22
N ILE A 598 -21.51 0.74 2.03
CA ILE A 598 -22.34 1.35 1.00
C ILE A 598 -21.50 2.23 0.10
N THR A 599 -21.55 1.96 -1.21
CA THR A 599 -20.83 2.73 -2.22
C THR A 599 -21.51 4.08 -2.39
N VAL A 600 -20.72 5.16 -2.37
CA VAL A 600 -21.25 6.50 -2.56
C VAL A 600 -20.42 7.18 -3.63
N ARG A 601 -21.10 7.75 -4.64
CA ARG A 601 -20.48 8.46 -5.75
C ARG A 601 -20.44 9.97 -5.44
N GLU A 602 -19.58 10.68 -6.16
CA GLU A 602 -19.47 12.11 -6.04
C GLU A 602 -20.83 12.75 -6.38
N GLY A 603 -21.26 13.68 -5.55
CA GLY A 603 -22.51 14.39 -5.77
C GLY A 603 -23.76 13.80 -5.13
N GLN A 604 -23.67 12.55 -4.64
CA GLN A 604 -24.78 11.87 -3.98
C GLN A 604 -24.97 12.33 -2.51
N THR A 605 -26.13 12.03 -1.96
CA THR A 605 -26.45 12.41 -0.60
C THR A 605 -26.56 11.17 0.24
N ILE A 606 -25.95 11.20 1.40
CA ILE A 606 -26.09 10.13 2.36
C ILE A 606 -27.23 10.53 3.24
N CYS A 607 -28.29 9.74 3.23
CA CYS A 607 -29.36 10.03 4.14
C CYS A 607 -29.39 9.01 5.25
N VAL A 608 -29.25 9.47 6.49
CA VAL A 608 -29.31 8.58 7.64
C VAL A 608 -30.52 8.94 8.53
N ARG A 609 -31.10 7.92 9.17
CA ARG A 609 -32.20 8.06 10.12
C ARG A 609 -31.74 7.48 11.42
N PHE A 610 -31.96 8.20 12.50
CA PHE A 610 -31.58 7.79 13.84
C PHE A 610 -32.78 7.92 14.76
N TRP A 611 -32.98 6.93 15.62
CA TRP A 611 -34.03 7.02 16.65
C TRP A 611 -33.41 6.87 18.03
N ARG A 612 -33.91 7.59 19.02
CA ARG A 612 -33.54 7.36 20.41
C ARG A 612 -34.79 6.77 21.03
N CYS A 613 -34.72 5.49 21.39
CA CYS A 613 -35.85 4.73 21.91
C CYS A 613 -35.64 4.39 23.38
N SER A 614 -36.73 4.02 24.06
CA SER A 614 -36.72 3.68 25.47
C SER A 614 -37.96 2.94 25.85
N ASN A 615 -37.89 2.28 27.00
CA ASN A 615 -39.02 1.74 27.72
C ASN A 615 -38.84 2.14 29.19
N SER A 616 -39.36 1.37 30.15
CA SER A 616 -39.24 1.71 31.58
C SER A 616 -37.91 1.24 32.16
N LYS A 617 -37.27 0.29 31.49
CA LYS A 617 -36.06 -0.37 31.96
C LYS A 617 -34.81 -0.01 31.19
N LYS A 618 -34.94 0.38 29.90
CA LYS A 618 -33.78 0.61 29.04
C LYS A 618 -33.96 1.67 27.98
N VAL A 619 -32.84 2.23 27.52
CA VAL A 619 -32.77 3.22 26.45
C VAL A 619 -31.81 2.66 25.38
N TRP A 620 -32.04 2.96 24.11
CA TRP A 620 -31.12 2.54 23.04
C TRP A 620 -31.28 3.41 21.84
N TYR A 621 -30.44 3.18 20.83
CA TYR A 621 -30.55 3.85 19.55
C TYR A 621 -30.83 2.81 18.46
N GLU A 622 -31.66 3.18 17.47
CA GLU A 622 -31.84 2.42 16.23
C GLU A 622 -31.41 3.36 15.08
N TRP A 623 -30.87 2.83 14.00
CA TRP A 623 -30.41 3.69 12.91
C TRP A 623 -30.53 3.01 11.57
N ALA A 624 -30.66 3.80 10.47
CA ALA A 624 -30.74 3.25 9.11
C ALA A 624 -30.35 4.26 8.08
N VAL A 625 -29.68 3.83 7.03
CA VAL A 625 -29.31 4.66 5.87
C VAL A 625 -30.45 4.44 4.88
N THR A 626 -30.98 5.51 4.31
CA THR A 626 -32.07 5.44 3.35
C THR A 626 -31.67 5.96 1.96
N ALA A 627 -30.47 6.56 1.85
CA ALA A 627 -29.90 7.10 0.58
C ALA A 627 -28.38 7.12 0.66
N PRO A 628 -27.64 6.80 -0.44
CA PRO A 628 -28.13 6.50 -1.80
C PRO A 628 -28.91 5.19 -1.91
N VAL A 629 -28.62 4.25 -0.99
CA VAL A 629 -29.31 2.96 -0.90
C VAL A 629 -29.78 2.76 0.54
N CYS A 630 -30.62 1.73 0.78
CA CYS A 630 -31.09 1.41 2.12
C CYS A 630 -30.19 0.43 2.79
N SER A 631 -30.02 0.58 4.11
CA SER A 631 -29.43 -0.42 4.97
C SER A 631 -30.62 -1.06 5.70
N ALA A 632 -30.35 -2.12 6.45
CA ALA A 632 -31.35 -2.70 7.34
C ALA A 632 -31.45 -1.71 8.54
N ILE A 633 -32.57 -1.72 9.29
CA ILE A 633 -32.65 -0.94 10.53
C ILE A 633 -31.67 -1.63 11.53
N HIS A 634 -30.66 -0.87 12.02
CA HIS A 634 -29.69 -1.39 12.98
C HIS A 634 -30.23 -1.30 14.44
N ASN A 635 -30.03 -2.39 15.23
CA ASN A 635 -30.48 -2.54 16.63
C ASN A 635 -32.04 -2.47 16.80
N PRO A 636 -32.84 -3.22 16.03
CA PRO A 636 -34.29 -3.19 16.30
C PRO A 636 -34.64 -3.72 17.70
N THR A 637 -35.52 -2.99 18.44
CA THR A 637 -35.97 -3.29 19.82
C THR A 637 -34.80 -3.30 20.87
N GLY A 638 -33.62 -2.78 20.49
CA GLY A 638 -32.42 -2.81 21.34
C GLY A 638 -31.86 -4.21 21.48
N ARG A 639 -32.05 -5.04 20.44
CA ARG A 639 -31.71 -6.46 20.47
C ARG A 639 -30.23 -6.73 20.72
N SER A 640 -29.34 -5.82 20.25
CA SER A 640 -27.88 -5.96 20.35
C SER A 640 -27.28 -5.00 21.35
N TYR A 641 -27.93 -3.89 21.58
CA TYR A 641 -27.41 -2.84 22.44
C TYR A 641 -28.51 -2.13 23.15
N THR A 642 -28.43 -2.05 24.47
CA THR A 642 -29.33 -1.25 25.32
C THR A 642 -28.52 -0.65 26.42
N ILE A 643 -29.01 0.49 26.95
CA ILE A 643 -28.47 1.22 28.09
C ILE A 643 -29.47 1.05 29.24
N GLY A 644 -29.01 0.50 30.35
CA GLY A 644 -29.86 0.23 31.50
C GLY A 644 -30.25 1.46 32.28
N LEU A 645 -31.57 1.60 32.52
CA LEU A 645 -32.17 2.68 33.32
C LEU A 645 -32.20 2.31 34.81
N ASN B 26 43.33 -26.26 -19.54
CA ASN B 26 43.89 -25.21 -18.69
C ASN B 26 42.99 -23.97 -18.65
N LEU B 27 42.66 -23.48 -17.43
CA LEU B 27 41.82 -22.29 -17.21
C LEU B 27 42.65 -21.00 -17.27
N PRO B 28 42.19 -19.95 -18.02
CA PRO B 28 42.96 -18.69 -18.10
C PRO B 28 43.02 -17.93 -16.76
N PRO B 29 43.96 -16.95 -16.57
CA PRO B 29 43.98 -16.21 -15.29
C PRO B 29 42.74 -15.33 -15.15
N ASN B 30 42.18 -15.19 -13.92
CA ASN B 30 40.96 -14.42 -13.60
C ASN B 30 39.66 -15.23 -13.89
N ALA B 31 39.73 -16.23 -14.82
CA ALA B 31 38.58 -17.07 -15.21
C ALA B 31 38.09 -17.99 -14.07
N PRO B 32 36.76 -18.01 -13.80
CA PRO B 32 36.24 -18.85 -12.70
C PRO B 32 36.38 -20.35 -12.94
N ALA B 33 36.48 -21.15 -11.85
CA ALA B 33 36.65 -22.61 -11.88
C ALA B 33 35.54 -23.33 -12.64
N CYS B 34 34.28 -22.90 -12.43
CA CYS B 34 33.13 -23.48 -13.12
C CYS B 34 32.18 -22.42 -13.67
N MET B 35 31.39 -22.81 -14.68
CA MET B 35 30.41 -21.95 -15.34
C MET B 35 29.05 -22.12 -14.66
N GLU B 36 28.27 -21.02 -14.55
CA GLU B 36 26.93 -21.02 -13.97
C GLU B 36 25.97 -21.75 -14.90
N ARG B 37 25.16 -22.67 -14.34
CA ARG B 37 24.27 -23.58 -15.10
C ARG B 37 23.36 -22.90 -16.14
N GLN B 38 22.78 -21.74 -15.78
CA GLN B 38 21.82 -21.09 -16.65
C GLN B 38 22.48 -20.28 -17.77
N LEU B 39 22.62 -20.92 -18.95
CA LEU B 39 23.19 -20.31 -20.14
C LEU B 39 22.17 -19.35 -20.77
N GLU B 40 22.49 -18.04 -20.74
CA GLU B 40 21.60 -17.00 -21.23
C GLU B 40 21.82 -16.55 -22.68
N ALA B 41 23.11 -16.36 -23.10
CA ALA B 41 23.42 -15.88 -24.45
C ALA B 41 24.52 -16.64 -25.17
N ALA B 42 24.41 -16.74 -26.51
CA ALA B 42 25.37 -17.36 -27.42
C ALA B 42 25.51 -16.44 -28.63
N ARG B 43 26.70 -15.84 -28.83
CA ARG B 43 26.94 -14.88 -29.93
C ARG B 43 28.25 -15.14 -30.70
N TYR B 44 28.13 -15.64 -31.94
CA TYR B 44 29.29 -15.83 -32.81
C TYR B 44 29.82 -14.49 -33.30
N ARG B 45 31.14 -14.27 -33.15
CA ARG B 45 31.80 -13.07 -33.67
C ARG B 45 32.06 -13.29 -35.18
N SER B 46 32.39 -12.23 -35.95
CA SER B 46 32.64 -12.35 -37.40
C SER B 46 33.74 -13.38 -37.77
N ASP B 47 34.76 -13.55 -36.87
CA ASP B 47 35.86 -14.50 -37.05
C ASP B 47 35.50 -15.99 -36.72
N GLY B 48 34.38 -16.21 -36.00
CA GLY B 48 33.91 -17.55 -35.63
C GLY B 48 34.08 -17.94 -34.16
N ALA B 49 34.53 -17.00 -33.32
CA ALA B 49 34.73 -17.19 -31.88
C ALA B 49 33.39 -16.96 -31.11
N LEU B 50 32.96 -17.99 -30.34
CA LEU B 50 31.70 -17.99 -29.59
C LEU B 50 31.78 -17.21 -28.26
N LEU B 51 30.85 -16.26 -28.06
CA LEU B 51 30.74 -15.48 -26.82
C LEU B 51 29.60 -16.05 -25.98
N LEU B 52 29.87 -16.34 -24.70
CA LEU B 52 28.87 -16.90 -23.79
C LEU B 52 28.52 -15.99 -22.63
N GLY B 53 27.23 -15.96 -22.32
CA GLY B 53 26.64 -15.29 -21.18
C GLY B 53 25.92 -16.31 -20.32
N ALA B 54 26.27 -16.36 -19.03
CA ALA B 54 25.68 -17.31 -18.12
C ALA B 54 25.31 -16.68 -16.77
N SER B 55 24.18 -17.11 -16.19
CA SER B 55 23.70 -16.63 -14.89
C SER B 55 23.54 -17.78 -13.93
N SER B 56 23.77 -17.50 -12.64
CA SER B 56 23.47 -18.39 -11.53
C SER B 56 22.09 -17.94 -11.06
N LEU B 57 21.04 -18.70 -11.42
CA LEU B 57 19.66 -18.35 -11.10
C LEU B 57 19.13 -19.03 -9.82
N SER B 58 19.82 -20.08 -9.35
CA SER B 58 19.44 -20.75 -8.12
C SER B 58 20.67 -20.91 -7.21
N GLY B 59 20.49 -21.58 -6.06
CA GLY B 59 21.56 -21.79 -5.10
C GLY B 59 21.91 -20.54 -4.32
N ARG B 60 22.99 -20.62 -3.54
CA ARG B 60 23.49 -19.58 -2.63
C ARG B 60 23.79 -18.22 -3.32
N CYS B 61 24.67 -18.21 -4.34
N CYS B 61 24.64 -18.23 -4.36
CA CYS B 61 25.08 -16.99 -5.04
CA CYS B 61 25.07 -17.04 -5.08
C CYS B 61 24.30 -16.82 -6.36
C CYS B 61 24.23 -16.85 -6.36
N TRP B 62 23.74 -15.61 -6.58
CA TRP B 62 22.95 -15.26 -7.77
C TRP B 62 23.71 -14.22 -8.61
N ALA B 63 24.78 -14.67 -9.27
CA ALA B 63 25.61 -13.79 -10.09
C ALA B 63 25.67 -14.30 -11.56
N GLY B 64 26.64 -13.83 -12.31
CA GLY B 64 26.82 -14.21 -13.70
C GLY B 64 28.27 -14.18 -14.15
N SER B 65 28.50 -14.51 -15.43
CA SER B 65 29.83 -14.57 -16.01
C SER B 65 29.81 -14.37 -17.53
N LEU B 66 30.99 -14.04 -18.10
CA LEU B 66 31.22 -13.84 -19.53
C LEU B 66 32.35 -14.80 -19.99
N TRP B 67 32.16 -15.48 -21.14
CA TRP B 67 33.11 -16.47 -21.68
C TRP B 67 33.37 -16.30 -23.17
N LEU B 68 34.61 -16.64 -23.59
CA LEU B 68 34.99 -16.64 -25.00
C LEU B 68 35.57 -18.00 -25.39
N PHE B 69 35.06 -18.56 -26.47
CA PHE B 69 35.51 -19.84 -26.97
C PHE B 69 35.96 -19.70 -28.42
N LYS B 70 37.29 -19.46 -28.63
CA LYS B 70 37.89 -19.34 -29.97
C LYS B 70 37.74 -20.66 -30.71
N ASP B 71 37.51 -21.76 -29.93
CA ASP B 71 37.13 -23.09 -30.39
C ASP B 71 35.67 -23.34 -29.90
N PRO B 72 34.65 -23.08 -30.77
CA PRO B 72 33.25 -23.24 -30.32
C PRO B 72 32.83 -24.68 -29.95
N CYS B 73 33.61 -25.69 -30.39
CA CYS B 73 33.33 -27.11 -30.10
C CYS B 73 33.78 -27.52 -28.69
N ALA B 74 34.53 -26.64 -27.97
CA ALA B 74 35.04 -26.88 -26.60
C ALA B 74 34.12 -26.28 -25.49
N ALA B 75 33.03 -25.59 -25.88
CA ALA B 75 32.05 -25.00 -24.94
C ALA B 75 30.97 -26.07 -24.60
N PRO B 76 30.45 -26.14 -23.35
CA PRO B 76 30.60 -25.22 -22.22
C PRO B 76 31.79 -25.46 -21.27
N ASN B 77 32.69 -26.44 -21.59
CA ASN B 77 33.85 -26.79 -20.75
C ASN B 77 34.75 -25.57 -20.45
N GLU B 78 34.80 -25.17 -19.16
CA GLU B 78 35.51 -23.98 -18.63
C GLU B 78 37.02 -24.00 -18.87
N GLY B 79 37.65 -25.15 -18.61
CA GLY B 79 39.10 -25.32 -18.77
C GLY B 79 39.58 -25.36 -20.20
N PHE B 80 38.67 -25.15 -21.17
CA PHE B 80 38.97 -25.16 -22.59
C PHE B 80 38.38 -23.92 -23.30
N CYS B 81 38.57 -22.74 -22.65
CA CYS B 81 38.13 -21.43 -23.12
C CYS B 81 39.33 -20.48 -23.37
N SER B 82 39.11 -19.45 -24.20
CA SER B 82 40.10 -18.43 -24.55
C SER B 82 40.16 -17.29 -23.50
N ALA B 83 38.99 -16.95 -22.90
CA ALA B 83 38.85 -15.90 -21.87
C ALA B 83 37.61 -16.14 -20.99
N GLY B 84 37.66 -15.66 -19.74
CA GLY B 84 36.58 -15.79 -18.78
C GLY B 84 36.63 -14.77 -17.67
N VAL B 85 35.46 -14.26 -17.25
CA VAL B 85 35.33 -13.29 -16.15
C VAL B 85 33.99 -13.46 -15.43
N GLN B 86 33.89 -12.96 -14.20
CA GLN B 86 32.62 -13.01 -13.50
C GLN B 86 32.05 -11.63 -13.33
N THR B 87 30.72 -11.52 -13.40
CA THR B 87 29.98 -10.27 -13.23
C THR B 87 29.36 -10.26 -11.82
N GLU B 88 29.20 -9.07 -11.22
CA GLU B 88 28.61 -8.88 -9.88
C GLU B 88 27.25 -9.60 -9.74
N ALA B 89 26.33 -9.37 -10.73
CA ALA B 89 24.98 -9.90 -10.79
C ALA B 89 24.81 -10.75 -12.03
N GLY B 90 23.60 -11.27 -12.24
CA GLY B 90 23.27 -12.10 -13.39
C GLY B 90 23.34 -11.39 -14.72
N VAL B 91 23.29 -12.15 -15.80
CA VAL B 91 23.33 -11.65 -17.16
C VAL B 91 21.96 -11.92 -17.82
N ALA B 92 21.09 -10.89 -17.88
CA ALA B 92 19.76 -11.05 -18.49
C ALA B 92 19.88 -11.02 -20.02
N ASP B 93 20.77 -10.14 -20.55
CA ASP B 93 21.04 -10.03 -21.99
C ASP B 93 22.48 -9.67 -22.31
N LEU B 94 22.89 -9.93 -23.57
CA LEU B 94 24.24 -9.72 -24.07
C LEU B 94 24.19 -9.23 -25.49
N THR B 95 25.31 -8.62 -25.96
CA THR B 95 25.52 -8.16 -27.35
C THR B 95 27.00 -7.82 -27.58
N TRP B 96 27.50 -8.20 -28.79
CA TRP B 96 28.86 -7.88 -29.23
C TRP B 96 28.89 -6.42 -29.63
N VAL B 97 29.73 -5.61 -28.97
CA VAL B 97 29.96 -4.21 -29.35
C VAL B 97 31.29 -4.19 -30.13
N GLY B 98 31.19 -4.44 -31.43
CA GLY B 98 32.35 -4.50 -32.30
C GLY B 98 32.93 -5.89 -32.35
N GLU B 99 34.24 -6.01 -32.08
CA GLU B 99 34.95 -7.29 -32.12
C GLU B 99 35.64 -7.58 -30.78
N ARG B 100 35.78 -6.53 -29.92
CA ARG B 100 36.42 -6.65 -28.61
C ARG B 100 35.46 -6.28 -27.43
N GLY B 101 34.48 -5.42 -27.70
CA GLY B 101 33.51 -4.97 -26.70
C GLY B 101 32.34 -5.92 -26.47
N ILE B 102 31.84 -5.97 -25.20
CA ILE B 102 30.70 -6.80 -24.78
C ILE B 102 29.71 -5.98 -23.91
N LEU B 103 28.50 -5.70 -24.44
CA LEU B 103 27.47 -4.95 -23.70
C LEU B 103 26.48 -5.90 -23.01
N VAL B 104 26.38 -5.74 -21.69
CA VAL B 104 25.64 -6.64 -20.79
C VAL B 104 24.45 -5.97 -20.11
N ALA B 105 23.29 -6.66 -20.15
CA ALA B 105 22.06 -6.27 -19.44
C ALA B 105 22.08 -7.04 -18.10
N SER B 106 22.32 -6.32 -16.97
CA SER B 106 22.44 -6.96 -15.67
C SER B 106 21.26 -6.78 -14.73
N ASP B 107 21.04 -7.80 -13.84
CA ASP B 107 19.98 -7.81 -12.81
C ASP B 107 20.12 -6.66 -11.85
N SER B 108 21.35 -6.15 -11.70
CA SER B 108 21.71 -5.02 -10.82
C SER B 108 21.00 -3.72 -11.21
N GLY B 109 20.60 -3.60 -12.47
CA GLY B 109 19.98 -2.41 -13.02
C GLY B 109 20.95 -1.64 -13.88
N ALA B 110 22.16 -2.18 -14.00
CA ALA B 110 23.24 -1.59 -14.75
C ALA B 110 23.31 -2.15 -16.15
N VAL B 111 23.75 -1.30 -17.06
CA VAL B 111 24.13 -1.69 -18.41
C VAL B 111 25.67 -1.66 -18.34
N GLU B 112 26.31 -2.82 -18.55
CA GLU B 112 27.76 -2.93 -18.43
C GLU B 112 28.46 -3.11 -19.75
N LEU B 113 29.62 -2.45 -19.92
CA LEU B 113 30.47 -2.66 -21.09
C LEU B 113 31.80 -3.21 -20.65
N TRP B 114 32.12 -4.39 -21.16
CA TRP B 114 33.34 -5.11 -20.87
C TRP B 114 34.15 -5.22 -22.15
N GLU B 115 35.49 -5.09 -22.06
CA GLU B 115 36.35 -5.15 -23.24
C GLU B 115 37.35 -6.27 -23.20
N LEU B 116 37.53 -6.95 -24.34
CA LEU B 116 38.49 -8.03 -24.54
C LEU B 116 39.92 -7.49 -24.39
N ASP B 117 40.82 -8.34 -23.90
CA ASP B 117 42.24 -8.04 -23.73
C ASP B 117 42.89 -7.76 -25.08
N GLU B 118 44.05 -7.07 -25.09
CA GLU B 118 44.81 -6.84 -26.31
C GLU B 118 45.20 -8.20 -26.93
N ASN B 119 45.50 -9.19 -26.06
CA ASN B 119 45.82 -10.57 -26.41
C ASN B 119 44.54 -11.39 -26.55
N GLU B 120 43.37 -10.82 -26.13
CA GLU B 120 42.05 -11.46 -26.11
C GLU B 120 42.06 -12.69 -25.19
N THR B 121 42.73 -12.56 -24.02
CA THR B 121 42.89 -13.62 -23.01
C THR B 121 42.16 -13.28 -21.70
N LEU B 122 41.89 -11.96 -21.48
CA LEU B 122 41.15 -11.41 -20.33
C LEU B 122 39.88 -10.68 -20.83
N ILE B 123 38.90 -10.47 -19.92
CA ILE B 123 37.69 -9.68 -20.19
C ILE B 123 37.61 -8.61 -19.08
N VAL B 124 38.04 -7.38 -19.39
CA VAL B 124 38.16 -6.29 -18.43
C VAL B 124 36.96 -5.32 -18.48
N SER B 125 36.53 -4.82 -17.31
CA SER B 125 35.41 -3.88 -17.21
C SER B 125 35.78 -2.51 -17.78
N LYS B 126 35.02 -2.06 -18.80
CA LYS B 126 35.20 -0.73 -19.38
C LYS B 126 34.34 0.26 -18.54
N PHE B 127 33.00 0.01 -18.47
CA PHE B 127 32.08 0.80 -17.60
C PHE B 127 30.93 -0.04 -17.05
N CYS B 128 30.40 0.39 -15.89
CA CYS B 128 29.25 -0.23 -15.19
C CYS B 128 28.36 0.91 -14.69
N LYS B 129 27.33 1.25 -15.48
CA LYS B 129 26.45 2.37 -15.11
C LYS B 129 25.06 1.91 -14.63
N TYR B 130 24.69 2.26 -13.38
CA TYR B 130 23.41 1.89 -12.79
C TYR B 130 22.36 2.96 -13.10
N GLU B 131 21.75 2.86 -14.31
CA GLU B 131 20.78 3.86 -14.77
C GLU B 131 19.33 3.42 -14.64
N HIS B 132 19.07 2.10 -14.77
CA HIS B 132 17.74 1.54 -14.66
C HIS B 132 17.44 1.19 -13.19
N ASP B 133 16.16 1.27 -12.79
CA ASP B 133 15.70 1.05 -11.43
C ASP B 133 15.31 -0.39 -11.17
N ASP B 134 15.41 -1.23 -12.18
CA ASP B 134 15.09 -2.65 -12.10
C ASP B 134 15.99 -3.39 -13.07
N ILE B 135 15.88 -4.72 -13.08
CA ILE B 135 16.60 -5.65 -13.95
C ILE B 135 16.60 -5.12 -15.37
N VAL B 136 17.78 -5.11 -16.03
CA VAL B 136 17.86 -4.78 -17.43
C VAL B 136 17.72 -6.10 -18.17
N SER B 137 16.74 -6.24 -19.06
CA SER B 137 16.45 -7.52 -19.71
C SER B 137 16.85 -7.62 -21.20
N THR B 138 16.97 -6.48 -21.87
CA THR B 138 17.25 -6.45 -23.30
C THR B 138 18.23 -5.30 -23.66
N VAL B 139 19.18 -5.61 -24.56
CA VAL B 139 20.18 -4.69 -25.12
C VAL B 139 20.37 -4.95 -26.60
N SER B 140 20.44 -3.88 -27.39
CA SER B 140 20.74 -3.94 -28.82
C SER B 140 21.66 -2.79 -29.19
N VAL B 141 22.81 -3.09 -29.83
CA VAL B 141 23.73 -2.02 -30.23
C VAL B 141 23.29 -1.47 -31.63
N LEU B 142 23.24 -0.13 -31.75
CA LEU B 142 22.79 0.56 -32.98
C LEU B 142 23.79 0.42 -34.15
N SER B 143 23.26 0.31 -35.41
CA SER B 143 23.97 0.05 -36.69
C SER B 143 25.41 0.57 -36.80
N SER B 144 25.71 1.76 -36.24
CA SER B 144 27.08 2.32 -36.24
C SER B 144 28.03 1.54 -35.32
N GLY B 145 27.61 1.36 -34.07
CA GLY B 145 28.41 0.73 -33.03
C GLY B 145 28.88 1.71 -31.99
N THR B 146 28.44 2.99 -32.10
CA THR B 146 28.79 4.06 -31.16
C THR B 146 27.72 4.23 -30.07
N GLN B 147 26.48 3.71 -30.35
CA GLN B 147 25.30 3.84 -29.49
C GLN B 147 24.58 2.51 -29.28
N ALA B 148 23.81 2.40 -28.19
CA ALA B 148 23.02 1.20 -27.94
C ALA B 148 21.72 1.52 -27.23
N VAL B 149 20.72 0.64 -27.38
CA VAL B 149 19.45 0.78 -26.69
C VAL B 149 19.21 -0.38 -25.69
N SER B 150 18.65 -0.06 -24.52
CA SER B 150 18.35 -1.04 -23.45
C SER B 150 16.89 -0.95 -23.00
N GLY B 151 16.33 -2.08 -22.59
CA GLY B 151 14.96 -2.21 -22.08
C GLY B 151 14.90 -2.93 -20.75
N SER B 152 14.29 -2.29 -19.75
CA SER B 152 14.25 -2.82 -18.38
C SER B 152 12.84 -3.09 -17.84
N LYS B 153 12.78 -3.86 -16.73
CA LYS B 153 11.52 -4.11 -16.00
C LYS B 153 10.98 -2.81 -15.37
N ASP B 154 11.80 -1.76 -15.27
CA ASP B 154 11.40 -0.45 -14.76
C ASP B 154 10.55 0.34 -15.78
N ILE B 155 10.13 -0.32 -16.90
CA ILE B 155 9.26 0.20 -17.99
C ILE B 155 9.99 1.28 -18.90
N CYS B 156 11.29 1.48 -18.67
CA CYS B 156 12.04 2.47 -19.45
C CYS B 156 12.82 1.89 -20.60
N ILE B 157 13.21 2.77 -21.53
CA ILE B 157 14.07 2.48 -22.68
C ILE B 157 15.11 3.61 -22.74
N LYS B 158 16.38 3.25 -22.66
CA LYS B 158 17.44 4.23 -22.63
C LYS B 158 18.41 4.11 -23.82
N VAL B 159 18.70 5.24 -24.48
CA VAL B 159 19.66 5.31 -25.59
C VAL B 159 20.99 5.74 -25.00
N TRP B 160 22.02 4.92 -25.17
CA TRP B 160 23.34 5.12 -24.56
C TRP B 160 24.42 5.61 -25.54
N ASP B 161 25.38 6.43 -25.03
CA ASP B 161 26.58 6.85 -25.77
C ASP B 161 27.73 5.97 -25.26
N LEU B 162 28.11 4.94 -26.05
CA LEU B 162 29.12 3.95 -25.65
C LEU B 162 30.47 4.56 -25.32
N ALA B 163 30.88 5.59 -26.11
CA ALA B 163 32.12 6.31 -25.94
C ALA B 163 32.08 7.20 -24.70
N GLN B 164 31.05 8.04 -24.57
CA GLN B 164 30.89 8.97 -23.45
C GLN B 164 30.51 8.30 -22.11
N GLN B 165 30.04 7.01 -22.14
CA GLN B 165 29.61 6.24 -20.95
C GLN B 165 28.38 6.91 -20.25
N VAL B 166 27.42 7.42 -21.07
CA VAL B 166 26.22 8.11 -20.57
C VAL B 166 24.93 7.70 -21.30
N VAL B 167 23.77 8.00 -20.67
CA VAL B 167 22.44 7.84 -21.24
C VAL B 167 22.12 9.14 -22.00
N LEU B 168 21.96 9.05 -23.32
CA LEU B 168 21.65 10.20 -24.16
C LEU B 168 20.17 10.59 -24.01
N SER B 169 19.29 9.59 -24.11
CA SER B 169 17.85 9.76 -24.01
C SER B 169 17.22 8.66 -23.13
N SER B 170 16.07 8.98 -22.48
CA SER B 170 15.32 8.04 -21.63
C SER B 170 13.83 8.14 -21.96
N TYR B 171 13.26 7.04 -22.45
CA TYR B 171 11.88 7.00 -22.88
C TYR B 171 11.00 6.09 -22.02
N ARG B 172 9.93 6.69 -21.47
CA ARG B 172 8.90 5.99 -20.72
C ARG B 172 7.64 5.89 -21.62
N ALA B 173 7.79 5.23 -22.77
CA ALA B 173 6.66 5.08 -23.69
C ALA B 173 5.76 3.93 -23.26
N HIS B 174 6.35 2.86 -22.70
CA HIS B 174 5.59 1.69 -22.30
C HIS B 174 4.88 1.85 -20.94
N ALA B 175 3.92 0.93 -20.64
CA ALA B 175 3.10 0.90 -19.41
C ALA B 175 3.38 -0.36 -18.53
N ALA B 176 4.10 -1.33 -19.10
CA ALA B 176 4.55 -2.54 -18.41
C ALA B 176 6.02 -2.76 -18.76
N GLN B 177 6.66 -3.80 -18.20
CA GLN B 177 8.08 -4.09 -18.43
C GLN B 177 8.44 -4.24 -19.90
N VAL B 178 9.65 -3.81 -20.27
CA VAL B 178 10.13 -3.88 -21.66
C VAL B 178 10.79 -5.25 -21.90
N THR B 179 10.17 -6.08 -22.78
CA THR B 179 10.56 -7.45 -23.07
C THR B 179 11.71 -7.55 -24.09
N CYS B 180 11.65 -6.73 -25.15
CA CYS B 180 12.62 -6.81 -26.25
C CYS B 180 12.89 -5.43 -26.86
N VAL B 181 14.15 -5.16 -27.19
CA VAL B 181 14.56 -3.94 -27.92
C VAL B 181 15.48 -4.41 -29.05
N ALA B 182 15.16 -4.04 -30.30
CA ALA B 182 15.95 -4.45 -31.45
C ALA B 182 16.31 -3.27 -32.38
N ALA B 183 17.63 -2.88 -32.38
CA ALA B 183 18.19 -1.80 -33.22
C ALA B 183 18.08 -2.15 -34.69
N SER B 184 17.79 -1.15 -35.55
CA SER B 184 17.64 -1.36 -37.01
C SER B 184 18.93 -1.92 -37.60
N PRO B 185 18.89 -2.80 -38.64
CA PRO B 185 20.16 -3.28 -39.22
C PRO B 185 21.08 -2.14 -39.72
N HIS B 186 20.52 -1.09 -40.40
CA HIS B 186 21.35 -0.02 -40.99
C HIS B 186 20.97 1.45 -40.65
N LYS B 187 20.06 1.70 -39.68
CA LYS B 187 19.66 3.07 -39.28
C LYS B 187 19.91 3.29 -37.79
N ASP B 188 20.76 4.29 -37.44
CA ASP B 188 21.08 4.62 -36.04
C ASP B 188 19.96 5.35 -35.30
N SER B 189 18.87 5.69 -36.01
CA SER B 189 17.72 6.39 -35.42
C SER B 189 16.60 5.40 -35.19
N VAL B 190 16.59 4.29 -35.92
CA VAL B 190 15.51 3.33 -35.88
C VAL B 190 15.82 2.10 -35.01
N PHE B 191 14.78 1.64 -34.29
CA PHE B 191 14.80 0.46 -33.44
C PHE B 191 13.39 0.09 -33.03
N LEU B 192 13.18 -1.19 -32.81
CA LEU B 192 11.89 -1.73 -32.42
C LEU B 192 11.89 -2.03 -30.95
N SER B 193 10.70 -1.98 -30.33
CA SER B 193 10.53 -2.37 -28.94
C SER B 193 9.19 -3.06 -28.75
N CYS B 194 9.11 -3.96 -27.76
CA CYS B 194 7.87 -4.62 -27.39
C CYS B 194 7.82 -4.88 -25.89
N SER B 195 6.63 -4.70 -25.31
CA SER B 195 6.40 -4.73 -23.88
C SER B 195 5.25 -5.60 -23.51
N GLU B 196 5.09 -5.85 -22.21
CA GLU B 196 3.95 -6.58 -21.67
C GLU B 196 2.68 -5.71 -21.64
N ASP B 197 2.77 -4.43 -22.07
CA ASP B 197 1.60 -3.56 -22.18
C ASP B 197 0.88 -3.81 -23.53
N ASN B 198 1.36 -4.84 -24.30
CA ASN B 198 0.83 -5.33 -25.58
C ASN B 198 1.26 -4.48 -26.81
N ARG B 199 2.01 -3.39 -26.59
CA ARG B 199 2.47 -2.52 -27.65
C ARG B 199 3.76 -2.96 -28.30
N ILE B 200 3.78 -2.96 -29.66
CA ILE B 200 5.01 -3.06 -30.45
C ILE B 200 5.23 -1.62 -30.95
N LEU B 201 6.36 -1.01 -30.57
CA LEU B 201 6.68 0.37 -30.90
C LEU B 201 7.84 0.52 -31.92
N LEU B 202 7.58 1.24 -33.03
CA LEU B 202 8.60 1.58 -34.00
C LEU B 202 9.18 2.93 -33.58
N TRP B 203 10.47 2.98 -33.36
CA TRP B 203 11.14 4.18 -32.92
C TRP B 203 11.94 4.85 -34.03
N ASP B 204 11.97 6.18 -34.02
CA ASP B 204 12.77 7.01 -34.90
C ASP B 204 13.09 8.24 -34.12
N THR B 205 14.32 8.31 -33.53
CA THR B 205 14.81 9.44 -32.72
C THR B 205 14.75 10.79 -33.47
N ARG B 206 14.58 10.76 -34.81
CA ARG B 206 14.50 11.96 -35.65
C ARG B 206 13.14 12.70 -35.50
N CYS B 207 12.03 11.94 -35.22
CA CYS B 207 10.66 12.45 -35.02
C CYS B 207 10.49 13.14 -33.63
N PRO B 208 9.66 14.21 -33.53
CA PRO B 208 9.45 14.89 -32.22
C PRO B 208 8.84 13.95 -31.17
N LYS B 209 7.91 13.08 -31.60
CA LYS B 209 7.34 11.99 -30.80
C LYS B 209 7.95 10.71 -31.42
N PRO B 210 9.07 10.20 -30.81
CA PRO B 210 9.87 9.15 -31.47
C PRO B 210 9.22 7.80 -31.71
N ALA B 211 8.32 7.36 -30.82
CA ALA B 211 7.70 6.04 -31.03
C ALA B 211 6.37 6.12 -31.81
N SER B 212 6.00 5.00 -32.41
CA SER B 212 4.78 4.87 -33.17
C SER B 212 4.29 3.43 -32.93
N GLN B 213 3.00 3.26 -32.56
CA GLN B 213 2.40 1.97 -32.24
C GLN B 213 2.01 1.22 -33.50
N ILE B 214 2.64 0.08 -33.74
CA ILE B 214 2.37 -0.69 -34.94
C ILE B 214 2.05 -2.16 -34.63
N GLY B 215 1.61 -2.90 -35.65
CA GLY B 215 1.25 -4.30 -35.53
C GLY B 215 -0.04 -4.64 -36.25
N CYS B 216 -0.52 -5.87 -36.06
CA CYS B 216 -1.77 -6.35 -36.67
C CYS B 216 -2.97 -5.68 -36.02
N SER B 217 -4.11 -5.65 -36.75
CA SER B 217 -5.38 -5.05 -36.31
C SER B 217 -5.82 -5.58 -34.93
N ALA B 218 -5.86 -6.94 -34.78
CA ALA B 218 -6.23 -7.63 -33.55
C ALA B 218 -5.17 -7.44 -32.45
N PRO B 219 -5.58 -7.14 -31.18
CA PRO B 219 -4.59 -6.98 -30.10
C PRO B 219 -3.88 -8.31 -29.75
N GLY B 220 -4.67 -9.40 -29.70
CA GLY B 220 -4.19 -10.77 -29.48
C GLY B 220 -3.41 -11.02 -28.20
N TYR B 221 -2.24 -11.71 -28.33
CA TYR B 221 -1.37 -12.07 -27.21
C TYR B 221 -0.13 -11.21 -27.14
N LEU B 222 0.40 -11.02 -25.91
CA LEU B 222 1.56 -10.17 -25.64
C LEU B 222 2.75 -10.48 -26.52
N PRO B 223 3.46 -9.43 -26.99
CA PRO B 223 4.67 -9.67 -27.80
C PRO B 223 5.90 -9.95 -26.92
N THR B 224 6.72 -10.96 -27.27
CA THR B 224 7.87 -11.36 -26.45
C THR B 224 9.24 -11.24 -27.12
N SER B 225 9.30 -11.32 -28.46
CA SER B 225 10.57 -11.28 -29.19
C SER B 225 10.44 -10.58 -30.54
N LEU B 226 11.52 -9.90 -30.98
CA LEU B 226 11.54 -9.13 -32.25
C LEU B 226 12.78 -9.46 -33.07
N ALA B 227 12.64 -9.52 -34.41
CA ALA B 227 13.79 -9.75 -35.30
C ALA B 227 13.62 -9.02 -36.63
N TRP B 228 14.42 -7.98 -36.85
CA TRP B 228 14.43 -7.23 -38.11
C TRP B 228 14.84 -8.14 -39.25
N HIS B 229 14.32 -7.90 -40.46
CA HIS B 229 14.77 -8.67 -41.61
C HIS B 229 16.15 -8.14 -42.01
N PRO B 230 17.15 -9.02 -42.26
CA PRO B 230 18.50 -8.51 -42.57
C PRO B 230 18.67 -7.91 -43.97
N GLN B 231 17.64 -8.04 -44.85
CA GLN B 231 17.69 -7.54 -46.23
C GLN B 231 16.60 -6.47 -46.49
N GLN B 232 15.33 -6.77 -46.11
CA GLN B 232 14.22 -5.83 -46.26
C GLN B 232 14.18 -4.95 -45.00
N SER B 233 14.67 -3.70 -45.12
CA SER B 233 14.81 -2.78 -43.98
C SER B 233 13.49 -2.22 -43.40
N GLU B 234 12.33 -2.54 -44.03
CA GLU B 234 11.01 -2.11 -43.53
C GLU B 234 10.16 -3.33 -43.13
N VAL B 235 10.82 -4.50 -42.93
CA VAL B 235 10.20 -5.78 -42.55
C VAL B 235 10.89 -6.36 -41.29
N PHE B 236 10.08 -6.90 -40.37
CA PHE B 236 10.55 -7.59 -39.19
C PHE B 236 9.59 -8.73 -38.83
N VAL B 237 10.00 -9.57 -37.89
CA VAL B 237 9.16 -10.66 -37.37
C VAL B 237 9.03 -10.52 -35.85
N PHE B 238 7.88 -10.94 -35.30
CA PHE B 238 7.72 -10.94 -33.85
C PHE B 238 7.11 -12.24 -33.35
N GLY B 239 7.53 -12.66 -32.17
CA GLY B 239 7.01 -13.84 -31.49
C GLY B 239 6.15 -13.47 -30.30
N ASP B 240 5.01 -14.16 -30.08
CA ASP B 240 4.11 -13.85 -28.96
C ASP B 240 4.21 -14.87 -27.76
N GLU B 241 3.52 -14.58 -26.65
CA GLU B 241 3.48 -15.41 -25.43
C GLU B 241 2.75 -16.77 -25.64
N ASN B 242 2.18 -17.00 -26.84
CA ASN B 242 1.41 -18.20 -27.15
C ASN B 242 2.10 -19.16 -28.14
N GLY B 243 3.27 -18.77 -28.62
CA GLY B 243 4.02 -19.59 -29.56
C GLY B 243 3.84 -19.25 -31.01
N THR B 244 3.10 -18.16 -31.29
CA THR B 244 2.88 -17.70 -32.66
C THR B 244 4.02 -16.80 -33.13
N VAL B 245 4.49 -17.03 -34.35
CA VAL B 245 5.49 -16.19 -34.99
C VAL B 245 4.76 -15.43 -36.09
N SER B 246 4.96 -14.10 -36.17
CA SER B 246 4.27 -13.28 -37.16
C SER B 246 5.21 -12.48 -38.05
N LEU B 247 4.85 -12.37 -39.34
CA LEU B 247 5.59 -11.61 -40.34
C LEU B 247 4.92 -10.26 -40.52
N VAL B 248 5.66 -9.19 -40.24
CA VAL B 248 5.12 -7.83 -40.26
C VAL B 248 5.88 -6.91 -41.21
N ASP B 249 5.11 -6.10 -41.95
CA ASP B 249 5.60 -5.03 -42.83
C ASP B 249 5.29 -3.74 -42.08
N THR B 250 6.30 -2.88 -41.87
CA THR B 250 6.12 -1.61 -41.15
C THR B 250 5.18 -0.69 -41.93
N LYS B 251 5.26 -0.76 -43.28
CA LYS B 251 4.47 0.04 -44.22
C LYS B 251 2.96 -0.29 -44.14
N SER B 252 2.56 -1.54 -44.54
CA SER B 252 1.16 -2.02 -44.55
C SER B 252 0.49 -2.12 -43.15
N THR B 253 1.31 -1.89 -42.07
CA THR B 253 0.97 -1.88 -40.62
C THR B 253 -0.31 -2.71 -40.24
N SER B 254 -0.42 -3.94 -40.79
CA SER B 254 -1.48 -4.91 -40.53
C SER B 254 -1.04 -6.24 -41.16
N CYS B 255 -0.38 -7.07 -40.32
CA CYS B 255 0.24 -8.38 -40.64
C CYS B 255 -0.61 -9.27 -41.54
N VAL B 256 0.07 -10.06 -42.39
CA VAL B 256 -0.57 -10.99 -43.32
C VAL B 256 -0.21 -12.45 -42.97
N LEU B 257 1.10 -12.73 -42.79
CA LEU B 257 1.61 -14.07 -42.49
C LEU B 257 1.86 -14.30 -41.00
N SER B 258 1.44 -15.48 -40.49
CA SER B 258 1.62 -15.89 -39.10
C SER B 258 1.57 -17.42 -38.97
N SER B 259 2.50 -18.00 -38.19
CA SER B 259 2.56 -19.44 -37.94
C SER B 259 2.68 -19.76 -36.44
N ALA B 260 1.82 -20.64 -35.94
CA ALA B 260 1.85 -21.10 -34.55
C ALA B 260 2.99 -22.13 -34.42
N VAL B 261 4.22 -21.63 -34.42
CA VAL B 261 5.46 -22.40 -34.41
C VAL B 261 5.66 -23.19 -33.11
N HIS B 262 5.41 -22.54 -31.94
CA HIS B 262 5.63 -23.14 -30.64
C HIS B 262 4.35 -23.35 -29.78
N SER B 263 4.43 -24.28 -28.80
CA SER B 263 3.35 -24.60 -27.85
C SER B 263 3.41 -23.63 -26.67
N GLN B 264 4.59 -22.97 -26.49
CA GLN B 264 4.81 -21.98 -25.43
C GLN B 264 5.48 -20.71 -25.96
N CYS B 265 5.76 -19.77 -25.06
CA CYS B 265 6.35 -18.46 -25.34
C CYS B 265 7.53 -18.50 -26.32
N VAL B 266 7.56 -17.57 -27.30
CA VAL B 266 8.67 -17.45 -28.27
C VAL B 266 9.72 -16.50 -27.65
N THR B 267 10.83 -17.07 -27.18
CA THR B 267 11.91 -16.37 -26.48
C THR B 267 12.77 -15.48 -27.42
N GLY B 268 13.11 -16.02 -28.59
CA GLY B 268 13.96 -15.33 -29.54
C GLY B 268 13.76 -15.73 -30.98
N LEU B 269 14.13 -14.81 -31.88
CA LEU B 269 14.04 -14.99 -33.33
C LEU B 269 15.35 -14.52 -33.97
N VAL B 270 16.03 -15.42 -34.67
CA VAL B 270 17.33 -15.10 -35.29
C VAL B 270 17.36 -15.45 -36.77
N PHE B 271 17.80 -14.49 -37.61
CA PHE B 271 17.91 -14.70 -39.05
C PHE B 271 19.29 -15.25 -39.45
N SER B 272 19.31 -16.26 -40.37
CA SER B 272 20.54 -16.86 -40.88
C SER B 272 21.36 -15.85 -41.72
N PRO B 273 22.70 -16.03 -41.88
CA PRO B 273 23.48 -15.03 -42.63
C PRO B 273 23.27 -15.04 -44.16
N HIS B 274 22.55 -16.06 -44.68
CA HIS B 274 22.23 -16.31 -46.08
C HIS B 274 21.57 -15.11 -46.77
N SER B 275 21.69 -15.05 -48.12
CA SER B 275 21.08 -14.00 -48.95
C SER B 275 19.56 -14.13 -48.91
N VAL B 276 19.07 -15.39 -48.89
CA VAL B 276 17.67 -15.75 -48.63
C VAL B 276 17.69 -16.34 -47.18
N PRO B 277 17.53 -15.49 -46.13
CA PRO B 277 17.76 -15.97 -44.76
C PRO B 277 16.72 -16.93 -44.20
N PHE B 278 17.19 -17.79 -43.30
CA PHE B 278 16.38 -18.72 -42.54
C PHE B 278 16.06 -18.07 -41.21
N LEU B 279 14.94 -18.49 -40.57
CA LEU B 279 14.55 -17.91 -39.29
C LEU B 279 14.51 -18.94 -38.18
N ALA B 280 15.46 -18.84 -37.24
CA ALA B 280 15.54 -19.70 -36.06
C ALA B 280 14.53 -19.19 -34.99
N SER B 281 13.76 -20.13 -34.41
CA SER B 281 12.73 -19.85 -33.40
C SER B 281 13.04 -20.55 -32.07
N LEU B 282 13.32 -19.76 -31.04
CA LEU B 282 13.64 -20.17 -29.67
C LEU B 282 12.36 -20.24 -28.86
N SER B 283 12.27 -21.14 -27.87
CA SER B 283 11.07 -21.19 -27.02
C SER B 283 11.26 -21.77 -25.61
N GLU B 284 10.25 -21.50 -24.74
CA GLU B 284 10.13 -22.03 -23.39
C GLU B 284 9.61 -23.46 -23.46
N ASP B 285 9.11 -23.88 -24.65
CA ASP B 285 8.68 -25.25 -24.87
C ASP B 285 9.89 -26.23 -25.00
N CYS B 286 11.14 -25.68 -24.88
CA CYS B 286 12.44 -26.40 -24.88
C CYS B 286 12.92 -26.80 -26.28
N SER B 287 12.20 -26.36 -27.33
CA SER B 287 12.55 -26.68 -28.72
C SER B 287 13.14 -25.49 -29.51
N LEU B 288 13.70 -25.82 -30.68
CA LEU B 288 14.24 -24.88 -31.65
C LEU B 288 13.59 -25.23 -32.96
N ALA B 289 13.10 -24.24 -33.67
CA ALA B 289 12.56 -24.45 -35.01
C ALA B 289 13.36 -23.59 -36.01
N VAL B 290 13.41 -24.00 -37.29
CA VAL B 290 14.05 -23.23 -38.38
C VAL B 290 13.01 -23.06 -39.47
N LEU B 291 12.62 -21.81 -39.76
CA LEU B 291 11.57 -21.50 -40.74
C LEU B 291 12.10 -20.84 -42.02
N ASP B 292 11.28 -20.90 -43.08
CA ASP B 292 11.62 -20.26 -44.35
C ASP B 292 10.96 -18.88 -44.48
N SER B 293 10.86 -18.37 -45.72
CA SER B 293 10.26 -17.07 -46.04
C SER B 293 8.76 -17.07 -45.76
N SER B 294 8.09 -18.23 -45.87
CA SER B 294 6.65 -18.36 -45.62
C SER B 294 6.34 -18.87 -44.20
N LEU B 295 7.33 -18.79 -43.27
CA LEU B 295 7.26 -19.22 -41.86
C LEU B 295 6.96 -20.72 -41.70
N SER B 296 7.32 -21.54 -42.72
CA SER B 296 7.14 -22.99 -42.71
C SER B 296 8.33 -23.66 -42.03
N GLU B 297 8.06 -24.78 -41.37
CA GLU B 297 9.08 -25.53 -40.64
C GLU B 297 9.96 -26.34 -41.59
N LEU B 298 11.27 -26.23 -41.40
CA LEU B 298 12.24 -26.99 -42.17
C LEU B 298 13.01 -27.89 -41.20
N PHE B 299 13.43 -27.33 -40.07
CA PHE B 299 14.14 -28.07 -39.03
C PHE B 299 13.44 -27.89 -37.67
N ARG B 300 13.80 -28.73 -36.68
CA ARG B 300 13.30 -28.72 -35.31
C ARG B 300 14.25 -29.51 -34.44
N SER B 301 14.59 -28.98 -33.27
CA SER B 301 15.48 -29.69 -32.37
C SER B 301 14.91 -29.74 -30.98
N GLN B 302 14.72 -30.97 -30.45
CA GLN B 302 14.25 -31.20 -29.09
C GLN B 302 15.45 -31.53 -28.17
N ALA B 303 16.67 -31.25 -28.66
CA ALA B 303 17.97 -31.49 -28.01
C ALA B 303 18.06 -30.93 -26.59
N HIS B 304 17.41 -29.79 -26.34
CA HIS B 304 17.43 -29.20 -25.02
C HIS B 304 16.40 -29.84 -24.09
N ARG B 305 16.74 -29.92 -22.81
CA ARG B 305 15.88 -30.48 -21.76
C ARG B 305 15.28 -29.38 -20.86
N ASP B 306 15.67 -28.11 -21.13
CA ASP B 306 15.19 -26.91 -20.42
C ASP B 306 14.95 -25.78 -21.46
N PHE B 307 14.66 -24.54 -21.00
CA PHE B 307 14.36 -23.40 -21.90
C PHE B 307 15.54 -23.04 -22.80
N VAL B 308 15.27 -22.88 -24.12
CA VAL B 308 16.26 -22.45 -25.13
C VAL B 308 16.41 -20.93 -24.99
N ARG B 309 17.62 -20.44 -24.67
CA ARG B 309 17.86 -19.02 -24.36
C ARG B 309 18.56 -18.16 -25.44
N ASP B 310 19.19 -18.78 -26.45
CA ASP B 310 19.78 -18.08 -27.61
C ASP B 310 20.03 -18.99 -28.79
N ALA B 311 20.31 -18.37 -29.94
CA ALA B 311 20.68 -19.02 -31.19
C ALA B 311 21.67 -18.10 -31.92
N THR B 312 22.71 -18.69 -32.52
CA THR B 312 23.74 -17.93 -33.22
C THR B 312 24.26 -18.75 -34.41
N TRP B 313 24.04 -18.24 -35.64
CA TRP B 313 24.49 -18.90 -36.87
C TRP B 313 25.98 -18.67 -37.05
N SER B 314 26.74 -19.73 -37.36
CA SER B 314 28.18 -19.65 -37.59
C SER B 314 28.50 -18.71 -38.77
N PRO B 315 29.49 -17.79 -38.61
CA PRO B 315 29.84 -16.90 -39.73
C PRO B 315 30.58 -17.69 -40.82
N LEU B 316 31.44 -18.65 -40.37
CA LEU B 316 32.28 -19.53 -41.19
C LEU B 316 31.44 -20.59 -41.95
N ASN B 317 30.67 -21.43 -41.23
CA ASN B 317 29.78 -22.41 -41.83
C ASN B 317 28.31 -21.93 -41.67
N HIS B 318 27.77 -21.30 -42.74
CA HIS B 318 26.42 -20.74 -42.77
C HIS B 318 25.30 -21.72 -42.39
N SER B 319 25.48 -23.03 -42.67
CA SER B 319 24.46 -24.04 -42.34
C SER B 319 24.57 -24.58 -40.88
N LEU B 320 25.54 -24.04 -40.09
CA LEU B 320 25.71 -24.41 -38.69
C LEU B 320 25.05 -23.37 -37.78
N LEU B 321 24.21 -23.84 -36.84
CA LEU B 321 23.48 -22.99 -35.89
C LEU B 321 23.66 -23.49 -34.45
N THR B 322 24.18 -22.62 -33.55
CA THR B 322 24.47 -22.93 -32.15
C THR B 322 23.41 -22.39 -31.18
N THR B 323 22.92 -23.25 -30.26
CA THR B 323 21.94 -22.85 -29.24
C THR B 323 22.42 -23.17 -27.84
N VAL B 324 22.02 -22.33 -26.88
CA VAL B 324 22.27 -22.52 -25.46
C VAL B 324 20.92 -22.60 -24.71
N GLY B 325 20.94 -23.25 -23.55
CA GLY B 325 19.76 -23.42 -22.72
C GLY B 325 20.06 -23.40 -21.23
N TRP B 326 19.02 -23.53 -20.42
CA TRP B 326 19.20 -23.57 -18.96
C TRP B 326 19.70 -24.94 -18.48
N ASP B 327 19.73 -25.96 -19.39
CA ASP B 327 20.25 -27.31 -19.14
C ASP B 327 21.80 -27.38 -19.27
N HIS B 328 22.46 -26.21 -19.41
CA HIS B 328 23.93 -26.05 -19.51
C HIS B 328 24.54 -26.74 -20.76
N GLN B 329 23.72 -26.90 -21.80
CA GLN B 329 24.13 -27.51 -23.06
C GLN B 329 24.47 -26.43 -24.09
N VAL B 330 25.50 -26.70 -24.91
CA VAL B 330 25.86 -25.86 -26.05
C VAL B 330 25.69 -26.80 -27.24
N VAL B 331 24.50 -26.80 -27.87
CA VAL B 331 24.22 -27.69 -29.00
C VAL B 331 24.56 -27.01 -30.34
N HIS B 332 25.22 -27.78 -31.23
CA HIS B 332 25.59 -27.31 -32.56
C HIS B 332 24.75 -28.05 -33.58
N HIS B 333 23.81 -27.34 -34.22
CA HIS B 333 22.86 -27.91 -35.17
C HIS B 333 23.32 -27.80 -36.62
N VAL B 334 23.14 -28.89 -37.38
CA VAL B 334 23.41 -28.88 -38.81
C VAL B 334 22.09 -28.67 -39.54
N VAL B 335 21.86 -27.43 -40.00
CA VAL B 335 20.63 -27.00 -40.65
C VAL B 335 20.61 -27.32 -42.16
N PRO B 336 19.66 -28.17 -42.61
CA PRO B 336 19.57 -28.48 -44.06
C PRO B 336 18.93 -27.34 -44.85
C1 EDO C . -12.39 5.76 0.66
O1 EDO C . -11.96 5.18 -0.55
C2 EDO C . -12.29 7.26 0.49
O2 EDO C . -12.94 7.86 1.54
C1 EDO D . -11.98 -6.57 -11.55
O1 EDO D . -12.23 -6.61 -12.95
C2 EDO D . -11.76 -8.02 -11.03
O2 EDO D . -10.85 -8.03 -9.95
C1 EDO E . -6.94 4.40 43.22
O1 EDO E . -7.16 3.57 42.08
C2 EDO E . -6.24 5.72 42.82
O2 EDO E . -6.08 6.54 43.98
C1 EDO F . -15.10 4.66 26.76
O1 EDO F . -14.38 3.67 27.48
C2 EDO F . -16.10 5.38 27.69
O2 EDO F . -17.22 5.94 27.01
C1 EDO G . 8.17 -5.57 8.01
O1 EDO G . 7.23 -5.18 9.01
C2 EDO G . 9.53 -5.80 8.67
O2 EDO G . 9.83 -4.68 9.50
N1 WFS H . -18.25 9.54 29.57
N3 WFS H . -27.94 8.87 40.67
C4 WFS H . -20.87 9.98 36.40
C5 WFS H . -18.99 11.05 35.24
C6 WFS H . -17.78 11.71 35.43
C7 WFS H . -16.95 11.93 34.38
C8 WFS H . -17.27 11.46 33.09
C10 WFS H . -19.37 10.59 34.00
C13 WFS H . -16.37 11.48 32.02
C15 WFS H . -22.14 7.65 38.54
C17 WFS H . -26.76 8.29 38.68
C20 WFS H . -27.96 8.42 39.40
C21 WFS H . -26.74 9.14 41.21
C22 WFS H . -29.31 8.09 38.82
BR WFS H . -15.34 10.74 29.50
C12 WFS H . -16.67 10.83 30.86
C11 WFS H . -17.94 10.20 30.70
N WFS H . -18.83 10.20 31.70
C9 WFS H . -18.49 10.79 32.90
O WFS H . -19.75 10.90 36.38
C WFS H . -20.40 8.59 36.00
C3 WFS H . -21.31 9.82 37.85
O1 WFS H . -22.75 9.83 37.93
C14 WFS H . -23.13 8.78 38.80
O2 WFS H . -22.09 6.68 39.57
C2 WFS H . -20.84 8.46 38.40
O3 WFS H . -20.09 8.56 39.60
C1 WFS H . -19.86 8.00 37.31
N2 WFS H . -24.52 8.46 38.52
C19 WFS H . -25.02 8.01 37.31
C18 WFS H . -26.36 7.90 37.36
N4 WFS H . -25.53 9.03 40.65
C16 WFS H . -25.59 8.62 39.37
C1 EDO I . 5.77 -5.33 -15.14
O1 EDO I . 4.66 -5.58 -16.00
C2 EDO I . 6.02 -3.80 -14.92
O2 EDO I . 7.24 -3.62 -14.18
#